data_5JE8
#
_entry.id   5JE8
#
_cell.length_a   46.444
_cell.length_b   158.576
_cell.length_c   163.138
_cell.angle_alpha   90.00
_cell.angle_beta   90.00
_cell.angle_gamma   90.00
#
_symmetry.space_group_name_H-M   'P 21 21 21'
#
loop_
_entity.id
_entity.type
_entity.pdbx_description
1 polymer '3-hydroxyisobutyrate dehydrogenase'
2 non-polymer NICOTINAMIDE-ADENINE-DINUCLEOTIDE
3 non-polymer '4-(2-HYDROXYETHYL)-1-PIPERAZINE ETHANESULFONIC ACID'
4 non-polymer GLYCEROL
5 water water
#
_entity_poly.entity_id   1
_entity_poly.type   'polypeptide(L)'
_entity_poly.pdbx_seq_one_letter_code
;GSAKDPMKKIGFIGLGNMGLPMSKNLVKSGYTVYGVDLNKEAEASFEKEGGIIGLSISKLAETCDVVFTSLPSPRAVEAV
YFGAEGLFENGHSNVVFIDTSTVSPQLNKQLEEAAKEKKVDFLAAPVSGGVIGAENRTLTFMVGGSKDVYEKTESIMGVL
GANIFHVSEQIDSGTTVKLINNLLIGFYTAGVSEALTLAKKNNMDLDKMFDILNVSYGQSRIYERNYKSFIAPENYEPGF
TVNLLKKDLGFAVDLAKESELHLPVSEMLLNVYDEASQAGYGENDMAALYKKVSEQLISNQK
;
_entity_poly.pdbx_strand_id   A,B,C,D
#
loop_
_chem_comp.id
_chem_comp.type
_chem_comp.name
_chem_comp.formula
EPE non-polymer '4-(2-HYDROXYETHYL)-1-PIPERAZINE ETHANESULFONIC ACID' 'C8 H18 N2 O4 S'
GOL non-polymer GLYCEROL 'C3 H8 O3'
NAD non-polymer NICOTINAMIDE-ADENINE-DINUCLEOTIDE 'C21 H27 N7 O14 P2'
#
# COMPACT_ATOMS: atom_id res chain seq x y z
N MET A 7 31.91 -52.76 27.39
CA MET A 7 31.05 -51.97 26.45
C MET A 7 29.57 -52.24 26.83
N LYS A 8 28.76 -51.21 26.82
CA LYS A 8 27.48 -51.21 27.55
C LYS A 8 26.35 -52.06 26.94
N LYS A 9 25.36 -52.41 27.76
CA LYS A 9 24.12 -53.03 27.31
C LYS A 9 23.11 -51.92 27.12
N ILE A 10 22.61 -51.80 25.90
CA ILE A 10 21.63 -50.77 25.56
C ILE A 10 20.31 -51.45 25.17
N GLY A 11 19.21 -50.90 25.67
CA GLY A 11 17.90 -51.34 25.29
C GLY A 11 17.34 -50.39 24.27
N PHE A 12 16.53 -50.89 23.35
CA PHE A 12 15.94 -50.02 22.34
C PHE A 12 14.51 -50.45 22.03
N ILE A 13 13.55 -49.57 22.31
CA ILE A 13 12.15 -49.90 22.23
C ILE A 13 11.51 -49.00 21.21
N GLY A 14 11.00 -49.60 20.15
CA GLY A 14 10.58 -48.87 18.96
C GLY A 14 11.65 -49.01 17.86
N LEU A 15 11.41 -49.94 16.93
CA LEU A 15 12.39 -50.29 15.92
C LEU A 15 11.85 -49.98 14.51
N GLY A 16 11.16 -48.85 14.39
CA GLY A 16 10.55 -48.42 13.17
C GLY A 16 11.46 -47.60 12.27
N ASN A 17 10.87 -46.64 11.56
CA ASN A 17 11.58 -45.78 10.61
C ASN A 17 12.82 -45.17 11.22
N MET A 18 12.73 -44.63 12.45
CA MET A 18 13.91 -44.05 13.15
C MET A 18 14.66 -45.09 14.01
N GLY A 19 13.91 -45.90 14.74
CA GLY A 19 14.49 -46.86 15.64
C GLY A 19 15.34 -47.94 15.03
N LEU A 20 14.95 -48.44 13.86
CA LEU A 20 15.73 -49.49 13.22
C LEU A 20 17.14 -49.01 12.89
N PRO A 21 17.28 -47.88 12.14
CA PRO A 21 18.65 -47.44 11.84
C PRO A 21 19.44 -46.98 13.09
N MET A 22 18.76 -46.37 14.05
CA MET A 22 19.41 -45.96 15.28
C MET A 22 19.90 -47.21 16.03
N SER A 23 19.05 -48.20 16.22
CA SER A 23 19.45 -49.40 16.99
C SER A 23 20.53 -50.18 16.24
N LYS A 24 20.40 -50.24 14.91
CA LYS A 24 21.42 -50.85 14.08
C LYS A 24 22.77 -50.14 14.30
N ASN A 25 22.76 -48.82 14.25
CA ASN A 25 24.02 -48.09 14.43
C ASN A 25 24.70 -48.40 15.77
N LEU A 26 23.90 -48.60 16.82
CA LEU A 26 24.44 -48.93 18.13
C LEU A 26 25.14 -50.29 18.09
N VAL A 27 24.52 -51.29 17.42
CA VAL A 27 25.14 -52.60 17.30
C VAL A 27 26.47 -52.47 16.53
N LYS A 28 26.43 -51.74 15.41
CA LYS A 28 27.60 -51.55 14.54
C LYS A 28 28.71 -50.89 15.35
N SER A 29 28.31 -49.98 16.23
CA SER A 29 29.23 -49.28 17.15
C SER A 29 29.85 -50.15 18.25
N GLY A 30 29.35 -51.39 18.41
CA GLY A 30 29.94 -52.35 19.35
C GLY A 30 29.16 -52.60 20.64
N TYR A 31 28.02 -51.94 20.78
CA TYR A 31 27.14 -52.13 21.95
C TYR A 31 26.43 -53.45 21.81
N THR A 32 26.08 -54.06 22.93
CA THR A 32 25.12 -55.16 22.98
C THR A 32 23.73 -54.53 23.09
N VAL A 33 22.89 -54.76 22.09
CA VAL A 33 21.63 -54.07 22.00
C VAL A 33 20.45 -55.01 22.06
N TYR A 34 19.59 -54.79 23.03
CA TYR A 34 18.36 -55.58 23.18
C TYR A 34 17.16 -54.79 22.64
N GLY A 35 16.42 -55.36 21.70
CA GLY A 35 15.37 -54.63 20.99
C GLY A 35 13.99 -55.14 21.33
N VAL A 36 13.02 -54.23 21.35
CA VAL A 36 11.61 -54.58 21.50
C VAL A 36 10.75 -53.74 20.56
N ASP A 37 9.84 -54.40 19.86
CA ASP A 37 8.86 -53.75 19.04
C ASP A 37 7.62 -54.66 18.91
N LEU A 38 6.44 -54.03 18.96
CA LEU A 38 5.16 -54.72 18.78
C LEU A 38 5.11 -55.44 17.46
N ASN A 39 5.77 -54.90 16.45
CA ASN A 39 5.74 -55.49 15.13
C ASN A 39 6.88 -56.49 15.07
N LYS A 40 6.57 -57.78 14.98
CA LYS A 40 7.59 -58.82 14.97
C LYS A 40 8.48 -58.77 13.75
N GLU A 41 7.95 -58.21 12.68
CA GLU A 41 8.77 -57.98 11.52
C GLU A 41 9.89 -56.94 11.77
N ALA A 42 9.56 -55.85 12.43
CA ALA A 42 10.57 -54.87 12.79
C ALA A 42 11.60 -55.55 13.68
N GLU A 43 11.15 -56.37 14.64
CA GLU A 43 12.08 -57.11 15.48
C GLU A 43 12.99 -58.00 14.64
N ALA A 44 12.40 -58.73 13.67
CA ALA A 44 13.18 -59.56 12.75
C ALA A 44 14.28 -58.79 12.02
N SER A 45 13.97 -57.61 11.49
CA SER A 45 14.95 -56.76 10.82
C SER A 45 16.13 -56.31 11.72
N PHE A 46 15.82 -55.88 12.94
CA PHE A 46 16.81 -55.51 13.92
C PHE A 46 17.72 -56.68 14.28
N GLU A 47 17.13 -57.83 14.48
CA GLU A 47 17.88 -59.06 14.78
C GLU A 47 18.88 -59.38 13.69
N LYS A 48 18.48 -59.24 12.44
CA LYS A 48 19.37 -59.47 11.31
C LYS A 48 20.52 -58.50 11.26
N GLU A 49 20.37 -57.36 11.95
CA GLU A 49 21.47 -56.43 12.12
C GLU A 49 22.43 -56.79 13.25
N GLY A 50 22.12 -57.81 14.05
CA GLY A 50 22.95 -58.20 15.19
C GLY A 50 22.40 -57.83 16.56
N GLY A 51 21.19 -57.31 16.60
CA GLY A 51 20.51 -57.03 17.87
C GLY A 51 19.88 -58.30 18.46
N ILE A 52 19.67 -58.27 19.76
CA ILE A 52 19.05 -59.37 20.50
C ILE A 52 17.58 -59.02 20.75
N ILE A 53 16.67 -59.93 20.38
CA ILE A 53 15.24 -59.78 20.63
C ILE A 53 14.76 -60.88 21.56
N GLY A 54 13.51 -60.76 22.01
CA GLY A 54 12.85 -61.76 22.81
C GLY A 54 12.72 -61.42 24.28
N LEU A 55 13.24 -60.27 24.70
CA LEU A 55 13.25 -59.83 26.10
C LEU A 55 12.06 -58.86 26.26
N SER A 56 11.46 -58.81 27.45
CA SER A 56 10.36 -57.88 27.68
C SER A 56 10.88 -56.45 27.97
N ILE A 57 10.04 -55.45 27.73
CA ILE A 57 10.29 -54.08 28.16
C ILE A 57 10.82 -54.04 29.59
N SER A 58 10.16 -54.76 30.48
CA SER A 58 10.57 -54.84 31.87
C SER A 58 11.99 -55.40 32.07
N LYS A 59 12.29 -56.47 31.35
CA LYS A 59 13.62 -57.06 31.36
C LYS A 59 14.69 -56.08 30.85
N LEU A 60 14.38 -55.32 29.80
CA LEU A 60 15.29 -54.21 29.39
C LEU A 60 15.58 -53.19 30.52
N ALA A 61 14.55 -52.81 31.27
CA ALA A 61 14.68 -51.85 32.35
C ALA A 61 15.55 -52.38 33.50
N GLU A 62 15.46 -53.68 33.76
CA GLU A 62 16.23 -54.30 34.85
C GLU A 62 17.68 -54.52 34.45
N THR A 63 17.95 -54.72 33.16
CA THR A 63 19.26 -55.21 32.72
C THR A 63 20.15 -54.22 32.00
N CYS A 64 19.58 -53.24 31.29
CA CYS A 64 20.36 -52.38 30.40
C CYS A 64 20.88 -51.11 31.11
N ASP A 65 22.04 -50.64 30.69
CA ASP A 65 22.63 -49.43 31.27
C ASP A 65 21.85 -48.20 30.83
N VAL A 66 21.49 -48.17 29.56
CA VAL A 66 20.72 -47.08 28.98
C VAL A 66 19.64 -47.76 28.12
N VAL A 67 18.40 -47.24 28.15
CA VAL A 67 17.33 -47.70 27.26
C VAL A 67 16.77 -46.51 26.51
N PHE A 68 16.83 -46.60 25.18
CA PHE A 68 16.23 -45.61 24.31
C PHE A 68 14.81 -46.03 23.91
N THR A 69 13.94 -45.04 23.72
CA THR A 69 12.61 -45.26 23.13
C THR A 69 12.45 -44.41 21.86
N SER A 70 11.85 -44.97 20.82
CA SER A 70 11.53 -44.25 19.62
C SER A 70 10.15 -44.68 19.22
N LEU A 71 9.15 -43.99 19.76
CA LEU A 71 7.77 -44.42 19.69
C LEU A 71 6.90 -43.43 18.91
N PRO A 72 5.81 -43.91 18.28
CA PRO A 72 5.11 -43.12 17.26
C PRO A 72 4.05 -42.15 17.77
N SER A 73 3.62 -42.31 19.02
CA SER A 73 2.56 -41.49 19.60
C SER A 73 2.71 -41.33 21.10
N PRO A 74 2.05 -40.29 21.66
CA PRO A 74 1.95 -40.15 23.11
C PRO A 74 1.36 -41.40 23.79
N ARG A 75 0.36 -42.04 23.21
CA ARG A 75 -0.17 -43.27 23.81
C ARG A 75 0.91 -44.33 23.96
N ALA A 76 1.69 -44.54 22.89
CA ALA A 76 2.71 -45.58 22.87
C ALA A 76 3.77 -45.29 23.93
N VAL A 77 4.16 -44.04 24.04
CA VAL A 77 5.13 -43.64 25.05
C VAL A 77 4.55 -43.94 26.45
N GLU A 78 3.27 -43.62 26.66
CA GLU A 78 2.64 -43.85 27.94
C GLU A 78 2.56 -45.34 28.26
N ALA A 79 2.21 -46.13 27.24
CA ALA A 79 2.08 -47.58 27.36
C ALA A 79 3.43 -48.22 27.70
N VAL A 80 4.53 -47.65 27.21
CA VAL A 80 5.84 -48.24 27.49
C VAL A 80 6.45 -47.82 28.84
N TYR A 81 6.33 -46.54 29.18
CA TYR A 81 6.96 -45.99 30.41
C TYR A 81 6.23 -46.26 31.72
N PHE A 82 4.90 -46.23 31.68
CA PHE A 82 4.03 -46.32 32.85
C PHE A 82 3.46 -47.73 33.02
N GLY A 83 3.03 -48.01 34.23
CA GLY A 83 2.28 -49.22 34.55
C GLY A 83 3.21 -50.25 35.13
N ALA A 84 2.63 -51.32 35.67
CA ALA A 84 3.39 -52.37 36.35
C ALA A 84 4.41 -53.06 35.44
N GLU A 85 4.14 -53.14 34.14
CA GLU A 85 5.06 -53.78 33.18
C GLU A 85 6.03 -52.82 32.47
N GLY A 86 5.99 -51.53 32.83
CA GLY A 86 6.68 -50.50 32.07
C GLY A 86 8.07 -50.20 32.58
N LEU A 87 8.70 -49.21 31.97
CA LEU A 87 10.10 -48.96 32.23
C LEU A 87 10.38 -48.41 33.64
N PHE A 88 9.61 -47.42 34.06
CA PHE A 88 9.90 -46.74 35.35
C PHE A 88 9.75 -47.68 36.57
N GLU A 89 8.72 -48.53 36.61
CA GLU A 89 8.50 -49.47 37.75
C GLU A 89 9.57 -50.56 37.83
N ASN A 90 10.23 -50.82 36.71
CA ASN A 90 11.14 -51.95 36.58
C ASN A 90 12.59 -51.54 36.37
N GLY A 91 12.85 -50.23 36.28
CA GLY A 91 14.21 -49.71 36.07
C GLY A 91 15.10 -50.02 37.27
N HIS A 92 16.29 -50.56 37.02
CA HIS A 92 17.24 -50.80 38.11
C HIS A 92 17.82 -49.45 38.51
N SER A 93 18.52 -49.44 39.62
CA SER A 93 18.85 -48.17 40.31
C SER A 93 19.76 -47.24 39.51
N ASN A 94 20.54 -47.80 38.57
CA ASN A 94 21.49 -47.01 37.77
C ASN A 94 21.06 -46.71 36.33
N VAL A 95 19.86 -47.13 35.95
CA VAL A 95 19.43 -47.07 34.56
C VAL A 95 19.24 -45.63 34.12
N VAL A 96 19.48 -45.39 32.83
CA VAL A 96 19.11 -44.12 32.19
C VAL A 96 18.12 -44.41 31.06
N PHE A 97 16.97 -43.75 31.10
CA PHE A 97 16.03 -43.78 29.98
C PHE A 97 16.16 -42.50 29.13
N ILE A 98 16.18 -42.65 27.82
CA ILE A 98 16.25 -41.52 26.92
C ILE A 98 15.11 -41.67 25.92
N ASP A 99 14.09 -40.81 26.01
CA ASP A 99 13.02 -40.83 25.00
C ASP A 99 13.40 -39.92 23.83
N THR A 100 13.50 -40.52 22.63
CA THR A 100 13.74 -39.77 21.40
C THR A 100 12.45 -39.44 20.67
N SER A 101 11.31 -39.88 21.20
CA SER A 101 10.00 -39.56 20.60
C SER A 101 9.65 -38.10 20.72
N THR A 102 8.81 -37.62 19.81
CA THR A 102 8.24 -36.30 19.92
C THR A 102 6.86 -36.41 20.55
N VAL A 103 6.72 -35.86 21.75
CA VAL A 103 5.42 -35.85 22.46
C VAL A 103 5.22 -34.47 23.02
N SER A 104 4.14 -34.24 23.77
CA SER A 104 3.87 -32.92 24.29
C SER A 104 4.77 -32.61 25.46
N PRO A 105 5.09 -31.33 25.66
CA PRO A 105 5.81 -30.92 26.85
C PRO A 105 5.18 -31.47 28.13
N GLN A 106 3.86 -31.50 28.18
CA GLN A 106 3.20 -31.98 29.35
C GLN A 106 3.54 -33.42 29.60
N LEU A 107 3.55 -34.25 28.58
CA LEU A 107 3.91 -35.64 28.79
C LEU A 107 5.39 -35.74 29.20
N ASN A 108 6.29 -34.95 28.60
CA ASN A 108 7.67 -34.88 29.09
C ASN A 108 7.75 -34.67 30.62
N LYS A 109 6.92 -33.76 31.12
CA LYS A 109 6.88 -33.47 32.53
C LYS A 109 6.31 -34.65 33.32
N GLN A 110 5.27 -35.28 32.82
CA GLN A 110 4.68 -36.43 33.48
C GLN A 110 5.72 -37.55 33.52
N LEU A 111 6.45 -37.72 32.44
CA LEU A 111 7.51 -38.72 32.42
C LEU A 111 8.57 -38.40 33.48
N GLU A 112 9.07 -37.15 33.50
CA GLU A 112 10.11 -36.79 34.45
C GLU A 112 9.64 -36.99 35.89
N GLU A 113 8.39 -36.61 36.18
CA GLU A 113 7.87 -36.69 37.52
C GLU A 113 7.80 -38.15 37.99
N ALA A 114 7.47 -39.08 37.10
CA ALA A 114 7.51 -40.49 37.47
C ALA A 114 8.97 -40.98 37.62
N ALA A 115 9.89 -40.48 36.79
CA ALA A 115 11.30 -40.88 36.93
C ALA A 115 11.87 -40.42 38.26
N LYS A 116 11.48 -39.22 38.70
CA LYS A 116 12.04 -38.68 39.94
C LYS A 116 11.49 -39.47 41.14
N GLU A 117 10.22 -39.85 41.07
CA GLU A 117 9.62 -40.67 42.11
C GLU A 117 10.30 -42.05 42.22
N LYS A 118 10.66 -42.67 41.10
CA LYS A 118 11.37 -43.95 41.16
C LYS A 118 12.88 -43.83 41.36
N LYS A 119 13.42 -42.61 41.39
CA LYS A 119 14.88 -42.36 41.44
C LYS A 119 15.68 -42.96 40.25
N VAL A 120 15.08 -42.99 39.07
CA VAL A 120 15.83 -43.38 37.88
C VAL A 120 16.08 -42.14 37.01
N ASP A 121 17.01 -42.24 36.09
CA ASP A 121 17.38 -41.09 35.25
C ASP A 121 16.56 -41.09 33.98
N PHE A 122 16.12 -39.90 33.56
CA PHE A 122 15.29 -39.72 32.35
C PHE A 122 15.64 -38.45 31.58
N LEU A 123 15.88 -38.58 30.28
CA LEU A 123 16.08 -37.43 29.39
C LEU A 123 15.03 -37.44 28.30
N ALA A 124 14.47 -36.27 27.98
CA ALA A 124 13.60 -36.12 26.79
C ALA A 124 14.50 -35.52 25.72
N ALA A 125 14.82 -36.34 24.74
CA ALA A 125 15.81 -36.03 23.71
C ALA A 125 15.22 -36.22 22.33
N PRO A 126 14.20 -35.46 21.96
CA PRO A 126 13.71 -35.62 20.59
C PRO A 126 14.80 -35.33 19.56
N VAL A 127 14.64 -35.92 18.36
CA VAL A 127 15.66 -35.85 17.32
C VAL A 127 15.16 -35.17 16.07
N SER A 128 16.10 -34.66 15.28
CA SER A 128 15.82 -33.97 14.03
C SER A 128 16.78 -34.45 12.98
N GLY A 129 16.34 -34.48 11.73
CA GLY A 129 17.19 -34.98 10.66
C GLY A 129 16.63 -36.17 9.88
N GLY A 130 15.54 -36.78 10.36
CA GLY A 130 14.80 -37.76 9.61
C GLY A 130 15.52 -39.09 9.58
N VAL A 131 15.02 -39.96 8.72
CA VAL A 131 15.54 -41.31 8.59
C VAL A 131 16.92 -41.21 7.98
N ILE A 132 17.12 -40.23 7.07
CA ILE A 132 18.43 -40.05 6.45
C ILE A 132 19.49 -39.71 7.52
N GLY A 133 19.12 -38.82 8.44
CA GLY A 133 19.96 -38.46 9.54
C GLY A 133 20.26 -39.64 10.46
N ALA A 134 19.23 -40.43 10.75
CA ALA A 134 19.39 -41.66 11.56
C ALA A 134 20.34 -42.63 10.88
N GLU A 135 20.15 -42.84 9.57
CA GLU A 135 20.99 -43.81 8.86
C GLU A 135 22.45 -43.35 8.86
N ASN A 136 22.67 -42.07 8.69
CA ASN A 136 24.01 -41.50 8.48
C ASN A 136 24.66 -41.05 9.79
N ARG A 137 23.98 -41.23 10.91
CA ARG A 137 24.47 -40.78 12.24
C ARG A 137 24.62 -39.27 12.33
N THR A 138 23.81 -38.54 11.58
CA THR A 138 23.90 -37.09 11.57
C THR A 138 22.70 -36.41 12.22
N LEU A 139 21.89 -37.19 12.96
CA LEU A 139 20.77 -36.61 13.72
C LEU A 139 21.20 -35.47 14.59
N THR A 140 20.30 -34.52 14.79
CA THR A 140 20.41 -33.55 15.89
C THR A 140 19.58 -34.03 17.07
N PHE A 141 20.23 -34.13 18.22
CA PHE A 141 19.54 -34.41 19.47
C PHE A 141 19.36 -33.12 20.26
N MET A 142 18.12 -32.82 20.62
CA MET A 142 17.82 -31.65 21.44
C MET A 142 17.32 -32.15 22.80
N VAL A 143 18.15 -32.04 23.82
CA VAL A 143 17.95 -32.74 25.06
C VAL A 143 17.55 -31.76 26.17
N GLY A 144 16.41 -32.06 26.80
CA GLY A 144 16.00 -31.50 28.08
C GLY A 144 16.18 -32.53 29.21
N GLY A 145 16.48 -32.04 30.41
CA GLY A 145 16.63 -32.87 31.59
C GLY A 145 17.95 -32.59 32.29
N SER A 146 18.29 -33.45 33.23
CA SER A 146 19.43 -33.20 34.12
C SER A 146 20.72 -33.09 33.32
N LYS A 147 21.54 -32.11 33.64
CA LYS A 147 22.79 -31.94 32.92
C LYS A 147 23.79 -33.03 33.20
N ASP A 148 23.81 -33.54 34.42
CA ASP A 148 24.68 -34.67 34.78
C ASP A 148 24.34 -35.90 33.96
N VAL A 149 23.04 -36.17 33.78
CA VAL A 149 22.64 -37.33 33.01
C VAL A 149 23.00 -37.11 31.52
N TYR A 150 22.79 -35.91 31.02
CA TYR A 150 23.15 -35.57 29.63
C TYR A 150 24.66 -35.83 29.41
N GLU A 151 25.47 -35.31 30.33
CA GLU A 151 26.91 -35.41 30.21
C GLU A 151 27.41 -36.85 30.24
N LYS A 152 26.83 -37.70 31.08
CA LYS A 152 27.18 -39.10 31.08
C LYS A 152 26.67 -39.93 29.89
N THR A 153 25.66 -39.46 29.16
CA THR A 153 25.14 -40.24 27.99
C THR A 153 25.42 -39.55 26.62
N GLU A 154 26.02 -38.36 26.67
CA GLU A 154 26.34 -37.59 25.47
C GLU A 154 27.10 -38.41 24.43
N SER A 155 28.10 -39.18 24.86
CA SER A 155 28.93 -39.95 23.95
C SER A 155 28.16 -41.08 23.25
N ILE A 156 27.17 -41.68 23.90
CA ILE A 156 26.31 -42.68 23.22
C ILE A 156 25.43 -41.98 22.19
N MET A 157 24.74 -40.95 22.60
CA MET A 157 23.95 -40.16 21.65
C MET A 157 24.81 -39.66 20.48
N GLY A 158 26.05 -39.30 20.78
CA GLY A 158 27.04 -38.90 19.75
C GLY A 158 27.45 -39.95 18.71
N VAL A 159 27.18 -41.22 18.92
CA VAL A 159 27.32 -42.19 17.79
C VAL A 159 26.10 -42.24 16.88
N LEU A 160 24.99 -41.62 17.30
CA LEU A 160 23.76 -41.61 16.54
C LEU A 160 23.50 -40.30 15.83
N GLY A 161 24.16 -39.23 16.29
CA GLY A 161 23.87 -37.90 15.77
C GLY A 161 25.12 -37.07 15.61
N ALA A 162 25.02 -35.98 14.86
CA ALA A 162 26.19 -35.13 14.65
C ALA A 162 26.15 -33.94 15.59
N ASN A 163 24.98 -33.42 15.91
CA ASN A 163 24.91 -32.30 16.86
C ASN A 163 24.05 -32.73 18.01
N ILE A 164 24.67 -32.88 19.17
CA ILE A 164 24.02 -33.25 20.41
C ILE A 164 23.97 -31.98 21.30
N PHE A 165 22.78 -31.48 21.58
CA PHE A 165 22.62 -30.26 22.35
C PHE A 165 21.88 -30.55 23.63
N HIS A 166 22.37 -29.96 24.73
CA HIS A 166 21.58 -29.82 25.93
C HIS A 166 20.95 -28.42 25.91
N VAL A 167 19.62 -28.33 25.93
CA VAL A 167 18.95 -27.06 25.87
C VAL A 167 18.89 -26.41 27.27
N SER A 168 18.21 -27.05 28.20
CA SER A 168 18.28 -26.64 29.60
C SER A 168 17.86 -27.80 30.51
N GLU A 169 17.88 -27.54 31.81
CA GLU A 169 17.48 -28.53 32.81
C GLU A 169 15.97 -28.82 32.76
N GLN A 170 15.20 -27.92 32.16
CA GLN A 170 13.77 -28.14 31.96
C GLN A 170 13.54 -29.32 30.96
N ILE A 171 12.74 -30.31 31.36
CA ILE A 171 12.66 -31.57 30.64
C ILE A 171 12.01 -31.42 29.24
N ASP A 172 11.18 -30.40 29.09
CA ASP A 172 10.51 -30.05 27.87
C ASP A 172 11.25 -29.04 26.98
N SER A 173 12.50 -28.73 27.30
CA SER A 173 13.25 -27.68 26.58
C SER A 173 13.64 -28.16 25.18
N GLY A 174 14.10 -29.41 25.11
CA GLY A 174 14.34 -30.11 23.81
C GLY A 174 13.14 -30.13 22.89
N THR A 175 12.02 -30.58 23.46
CA THR A 175 10.80 -30.75 22.73
C THR A 175 10.38 -29.39 22.15
N THR A 176 10.56 -28.35 22.96
CA THR A 176 10.09 -27.04 22.59
C THR A 176 10.91 -26.50 21.43
N VAL A 177 12.22 -26.58 21.54
CA VAL A 177 13.11 -26.18 20.44
C VAL A 177 12.81 -27.00 19.16
N LYS A 178 12.64 -28.30 19.30
CA LYS A 178 12.24 -29.15 18.19
C LYS A 178 10.95 -28.66 17.52
N LEU A 179 9.91 -28.39 18.28
CA LEU A 179 8.64 -27.90 17.73
C LEU A 179 8.84 -26.57 16.98
N ILE A 180 9.66 -25.71 17.53
CA ILE A 180 10.01 -24.44 16.89
CA ILE A 180 9.97 -24.46 16.87
C ILE A 180 10.71 -24.71 15.58
N ASN A 181 11.68 -25.61 15.61
CA ASN A 181 12.42 -26.00 14.44
C ASN A 181 11.46 -26.43 13.34
N ASN A 182 10.53 -27.32 13.69
CA ASN A 182 9.58 -27.87 12.71
C ASN A 182 8.49 -26.89 12.26
N LEU A 183 8.15 -25.95 13.12
CA LEU A 183 7.26 -24.87 12.74
C LEU A 183 7.90 -24.01 11.63
N LEU A 184 9.16 -23.64 11.84
CA LEU A 184 9.95 -22.92 10.82
C LEU A 184 10.00 -23.75 9.51
N ILE A 185 10.20 -25.06 9.64
CA ILE A 185 10.26 -25.90 8.44
C ILE A 185 8.92 -25.81 7.69
N GLY A 186 7.81 -25.82 8.40
CA GLY A 186 6.51 -25.69 7.78
C GLY A 186 6.34 -24.40 6.98
N PHE A 187 6.82 -23.29 7.54
CA PHE A 187 6.86 -22.00 6.86
C PHE A 187 7.77 -21.98 5.63
N TYR A 188 8.95 -22.58 5.76
CA TYR A 188 9.92 -22.58 4.68
C TYR A 188 9.45 -23.43 3.51
N THR A 189 8.91 -24.62 3.81
CA THR A 189 8.37 -25.49 2.77
C THR A 189 7.19 -24.84 2.09
N ALA A 190 6.32 -24.15 2.84
CA ALA A 190 5.17 -23.50 2.20
C ALA A 190 5.63 -22.40 1.27
N GLY A 191 6.63 -21.63 1.73
CA GLY A 191 7.13 -20.52 0.95
C GLY A 191 7.79 -20.93 -0.35
N VAL A 192 8.60 -21.98 -0.28
CA VAL A 192 9.21 -22.56 -1.48
C VAL A 192 8.17 -23.08 -2.41
N SER A 193 7.14 -23.71 -1.85
CA SER A 193 6.13 -24.35 -2.69
C SER A 193 5.31 -23.31 -3.49
N GLU A 194 4.86 -22.26 -2.81
CA GLU A 194 4.12 -21.20 -3.45
C GLU A 194 5.00 -20.35 -4.37
N ALA A 195 6.17 -19.95 -3.88
CA ALA A 195 7.08 -19.13 -4.68
C ALA A 195 7.52 -19.81 -5.98
N LEU A 196 7.92 -21.08 -5.90
CA LEU A 196 8.34 -21.81 -7.10
C LEU A 196 7.21 -22.06 -8.09
N THR A 197 6.00 -22.20 -7.59
CA THR A 197 4.83 -22.32 -8.46
C THR A 197 4.63 -21.03 -9.26
N LEU A 198 4.77 -19.89 -8.60
CA LEU A 198 4.69 -18.59 -9.28
C LEU A 198 5.81 -18.48 -10.31
N ALA A 199 7.02 -18.82 -9.90
CA ALA A 199 8.16 -18.81 -10.77
C ALA A 199 7.92 -19.70 -12.02
N LYS A 200 7.48 -20.93 -11.84
CA LYS A 200 7.23 -21.86 -12.95
C LYS A 200 6.15 -21.37 -13.89
N LYS A 201 5.07 -20.87 -13.33
CA LYS A 201 3.96 -20.41 -14.14
C LYS A 201 4.43 -19.28 -15.06
N ASN A 202 5.41 -18.51 -14.58
CA ASN A 202 5.99 -17.45 -15.39
C ASN A 202 7.27 -17.80 -16.13
N ASN A 203 7.46 -19.10 -16.36
CA ASN A 203 8.55 -19.62 -17.14
C ASN A 203 9.97 -19.36 -16.69
N MET A 204 10.17 -19.21 -15.39
CA MET A 204 11.52 -19.04 -14.88
C MET A 204 12.26 -20.35 -15.00
N ASP A 205 13.56 -20.24 -15.24
CA ASP A 205 14.45 -21.35 -15.09
C ASP A 205 14.71 -21.50 -13.60
N LEU A 206 14.10 -22.54 -13.02
CA LEU A 206 14.22 -22.80 -11.60
C LEU A 206 15.66 -23.08 -11.14
N ASP A 207 16.52 -23.62 -12.01
CA ASP A 207 17.94 -23.85 -11.64
C ASP A 207 18.70 -22.53 -11.47
N LYS A 208 18.62 -21.65 -12.47
CA LYS A 208 19.25 -20.31 -12.35
C LYS A 208 18.66 -19.52 -11.20
N MET A 209 17.35 -19.62 -11.00
CA MET A 209 16.72 -18.92 -9.90
C MET A 209 17.29 -19.39 -8.57
N PHE A 210 17.40 -20.70 -8.39
CA PHE A 210 17.96 -21.20 -7.16
C PHE A 210 19.37 -20.69 -6.92
N ASP A 211 20.24 -20.73 -7.95
CA ASP A 211 21.62 -20.28 -7.80
C ASP A 211 21.69 -18.83 -7.26
N ILE A 212 20.76 -17.97 -7.68
CA ILE A 212 20.67 -16.59 -7.21
C ILE A 212 20.07 -16.50 -5.81
N LEU A 213 18.90 -17.11 -5.60
CA LEU A 213 18.21 -16.99 -4.34
C LEU A 213 18.96 -17.64 -3.20
N ASN A 214 19.73 -18.68 -3.52
CA ASN A 214 20.50 -19.42 -2.53
C ASN A 214 21.65 -18.59 -1.94
N VAL A 215 22.03 -17.49 -2.59
CA VAL A 215 22.97 -16.52 -2.02
C VAL A 215 22.28 -15.16 -1.75
N SER A 216 20.96 -15.17 -1.61
CA SER A 216 20.19 -14.00 -1.28
C SER A 216 19.37 -14.23 0.02
N TYR A 217 18.53 -13.27 0.37
CA TYR A 217 17.60 -13.47 1.48
C TYR A 217 16.52 -14.51 1.22
N GLY A 218 16.41 -15.01 0.00
CA GLY A 218 15.54 -16.17 -0.28
C GLY A 218 16.13 -17.48 0.23
N GLN A 219 17.37 -17.45 0.71
CA GLN A 219 18.07 -18.67 1.11
C GLN A 219 17.44 -19.37 2.31
N SER A 220 17.37 -20.68 2.24
CA SER A 220 17.17 -21.48 3.45
C SER A 220 17.62 -22.90 3.19
N ARG A 221 18.06 -23.59 4.22
CA ARG A 221 18.46 -24.97 4.07
C ARG A 221 17.30 -25.78 3.52
N ILE A 222 16.08 -25.43 3.87
CA ILE A 222 14.93 -26.16 3.39
C ILE A 222 14.75 -25.93 1.90
N TYR A 223 14.94 -24.71 1.43
CA TYR A 223 14.90 -24.42 0.02
C TYR A 223 15.92 -25.32 -0.74
N GLU A 224 17.17 -25.29 -0.32
CA GLU A 224 18.19 -26.17 -0.88
C GLU A 224 17.77 -27.65 -0.84
N ARG A 225 17.36 -28.14 0.32
CA ARG A 225 16.84 -29.51 0.45
C ARG A 225 15.71 -29.79 -0.55
N ASN A 226 14.60 -29.08 -0.41
CA ASN A 226 13.39 -29.42 -1.18
C ASN A 226 13.65 -29.33 -2.69
N TYR A 227 14.35 -28.28 -3.09
CA TYR A 227 14.56 -28.04 -4.47
C TYR A 227 15.62 -28.98 -5.02
N LYS A 228 16.80 -29.00 -4.43
CA LYS A 228 17.87 -29.80 -5.00
C LYS A 228 17.68 -31.33 -4.91
N SER A 229 17.05 -31.80 -3.84
CA SER A 229 16.95 -33.25 -3.60
C SER A 229 15.61 -33.87 -3.98
N PHE A 230 14.62 -33.05 -4.32
CA PHE A 230 13.29 -33.54 -4.62
C PHE A 230 12.68 -32.88 -5.84
N ILE A 231 12.55 -31.56 -5.82
CA ILE A 231 11.86 -30.88 -6.93
C ILE A 231 12.63 -31.00 -8.25
N ALA A 232 13.88 -30.55 -8.28
CA ALA A 232 14.74 -30.65 -9.47
C ALA A 232 14.75 -32.07 -10.05
N PRO A 233 15.06 -33.10 -9.23
CA PRO A 233 15.02 -34.49 -9.74
C PRO A 233 13.64 -35.12 -9.90
N GLU A 234 12.56 -34.38 -9.67
CA GLU A 234 11.20 -34.91 -9.80
C GLU A 234 11.10 -36.21 -9.01
N ASN A 235 11.48 -36.18 -7.75
CA ASN A 235 11.28 -37.33 -6.91
C ASN A 235 10.78 -36.98 -5.52
N TYR A 236 9.59 -37.45 -5.20
CA TYR A 236 8.90 -37.11 -3.97
C TYR A 236 8.74 -38.28 -2.97
N GLU A 237 9.59 -39.29 -3.13
CA GLU A 237 9.73 -40.37 -2.17
C GLU A 237 10.25 -39.83 -0.87
N PRO A 238 9.56 -40.10 0.25
CA PRO A 238 10.09 -39.63 1.52
C PRO A 238 11.36 -40.41 1.85
N GLY A 239 12.34 -39.80 2.49
CA GLY A 239 12.25 -38.43 2.96
C GLY A 239 11.40 -38.25 4.21
N PHE A 240 10.80 -37.07 4.38
CA PHE A 240 10.02 -36.69 5.56
C PHE A 240 8.62 -36.26 5.17
N THR A 241 7.62 -37.03 5.57
CA THR A 241 6.30 -36.89 4.93
C THR A 241 5.53 -35.63 5.29
N VAL A 242 4.69 -35.25 4.34
CA VAL A 242 3.61 -34.33 4.57
C VAL A 242 2.89 -34.71 5.86
N ASN A 243 2.57 -36.01 6.05
CA ASN A 243 1.84 -36.40 7.26
C ASN A 243 2.61 -36.13 8.56
N LEU A 244 3.93 -36.38 8.56
CA LEU A 244 4.72 -36.19 9.75
C LEU A 244 4.87 -34.71 10.04
N LEU A 245 5.07 -33.91 9.00
CA LEU A 245 5.22 -32.47 9.21
C LEU A 245 3.93 -31.91 9.85
N LYS A 246 2.80 -32.34 9.34
CA LYS A 246 1.54 -31.83 9.81
C LYS A 246 1.29 -32.25 11.25
N LYS A 247 1.65 -33.49 11.59
CA LYS A 247 1.63 -33.92 12.99
C LYS A 247 2.48 -32.99 13.92
N ASP A 248 3.70 -32.66 13.50
CA ASP A 248 4.55 -31.74 14.29
C ASP A 248 3.93 -30.34 14.37
N LEU A 249 3.42 -29.82 13.26
CA LEU A 249 2.75 -28.53 13.30
C LEU A 249 1.57 -28.57 14.29
N GLY A 250 0.85 -29.69 14.29
CA GLY A 250 -0.17 -29.98 15.31
C GLY A 250 0.31 -29.79 16.72
N PHE A 251 1.44 -30.43 17.09
CA PHE A 251 2.02 -30.28 18.43
C PHE A 251 2.35 -28.81 18.74
N ALA A 252 2.88 -28.10 17.75
CA ALA A 252 3.25 -26.68 17.91
C ALA A 252 2.01 -25.81 18.10
N VAL A 253 1.00 -25.99 17.27
CA VAL A 253 -0.25 -25.24 17.46
C VAL A 253 -0.95 -25.60 18.77
N ASP A 254 -0.88 -26.87 19.20
CA ASP A 254 -1.41 -27.26 20.51
C ASP A 254 -0.75 -26.45 21.60
N LEU A 255 0.58 -26.43 21.59
CA LEU A 255 1.34 -25.65 22.59
C LEU A 255 0.98 -24.18 22.49
N ALA A 256 0.88 -23.64 21.29
CA ALA A 256 0.47 -22.22 21.14
C ALA A 256 -0.89 -21.96 21.81
N LYS A 257 -1.85 -22.83 21.54
CA LYS A 257 -3.16 -22.71 22.16
C LYS A 257 -3.10 -22.82 23.68
N GLU A 258 -2.38 -23.82 24.18
CA GLU A 258 -2.16 -23.88 25.62
C GLU A 258 -1.42 -22.65 26.20
N SER A 259 -0.58 -21.99 25.41
CA SER A 259 0.14 -20.80 25.89
C SER A 259 -0.66 -19.51 25.66
N GLU A 260 -1.94 -19.64 25.31
CA GLU A 260 -2.81 -18.52 25.00
C GLU A 260 -2.26 -17.62 23.91
N LEU A 261 -1.82 -18.25 22.83
CA LEU A 261 -1.34 -17.54 21.66
C LEU A 261 -2.11 -17.89 20.43
N HIS A 262 -2.49 -16.85 19.69
CA HIS A 262 -3.02 -17.01 18.36
C HIS A 262 -1.95 -16.69 17.34
N LEU A 263 -1.53 -17.74 16.62
CA LEU A 263 -0.50 -17.70 15.58
C LEU A 263 -1.20 -17.94 14.23
N PRO A 264 -1.64 -16.85 13.60
CA PRO A 264 -2.57 -17.06 12.50
C PRO A 264 -1.96 -17.82 11.32
N VAL A 265 -0.72 -17.52 10.93
CA VAL A 265 -0.15 -18.19 9.78
C VAL A 265 0.18 -19.67 10.11
N SER A 266 0.68 -19.91 11.33
CA SER A 266 0.89 -21.28 11.81
C SER A 266 -0.39 -22.12 11.70
N GLU A 267 -1.52 -21.59 12.14
CA GLU A 267 -2.76 -22.34 12.12
C GLU A 267 -3.20 -22.62 10.69
N MET A 268 -2.96 -21.65 9.82
CA MET A 268 -3.28 -21.80 8.41
C MET A 268 -2.42 -22.89 7.81
N LEU A 269 -1.14 -22.93 8.21
CA LEU A 269 -0.22 -23.93 7.66
C LEU A 269 -0.66 -25.34 8.05
N LEU A 270 -1.16 -25.49 9.27
CA LEU A 270 -1.66 -26.78 9.72
C LEU A 270 -2.74 -27.22 8.73
N ASN A 271 -3.63 -26.32 8.35
CA ASN A 271 -4.61 -26.61 7.31
C ASN A 271 -4.07 -26.86 5.92
N VAL A 272 -3.07 -26.09 5.53
CA VAL A 272 -2.39 -26.34 4.27
C VAL A 272 -1.82 -27.79 4.18
N TYR A 273 -1.10 -28.23 5.20
CA TYR A 273 -0.52 -29.59 5.11
C TYR A 273 -1.62 -30.66 5.24
N ASP A 274 -2.59 -30.41 6.12
CA ASP A 274 -3.80 -31.26 6.22
C ASP A 274 -4.54 -31.40 4.88
N GLU A 275 -4.67 -30.31 4.11
CA GLU A 275 -5.26 -30.40 2.77
C GLU A 275 -4.40 -31.14 1.76
N ALA A 276 -3.09 -30.94 1.85
CA ALA A 276 -2.15 -31.66 0.98
C ALA A 276 -2.34 -33.16 1.16
N SER A 277 -2.58 -33.56 2.40
CA SER A 277 -2.76 -34.96 2.74
C SER A 277 -4.09 -35.46 2.17
N GLN A 278 -5.15 -34.69 2.43
CA GLN A 278 -6.48 -35.07 2.01
C GLN A 278 -6.55 -35.14 0.48
N ALA A 279 -5.65 -34.41 -0.21
CA ALA A 279 -5.52 -34.53 -1.67
C ALA A 279 -4.57 -35.66 -2.14
N GLY A 280 -4.08 -36.50 -1.23
CA GLY A 280 -3.23 -37.63 -1.63
C GLY A 280 -1.72 -37.49 -1.60
N TYR A 281 -1.22 -36.40 -1.01
CA TYR A 281 0.24 -36.21 -0.87
C TYR A 281 0.78 -36.52 0.53
N GLY A 282 -0.07 -37.10 1.39
CA GLY A 282 0.27 -37.34 2.78
C GLY A 282 1.52 -38.19 3.01
N GLU A 283 1.72 -39.20 2.17
CA GLU A 283 2.88 -40.09 2.29
C GLU A 283 3.99 -39.70 1.30
N ASN A 284 3.85 -38.55 0.65
CA ASN A 284 4.93 -37.99 -0.17
C ASN A 284 5.84 -37.20 0.74
N ASP A 285 7.07 -36.95 0.31
CA ASP A 285 7.92 -35.96 0.99
C ASP A 285 7.25 -34.58 1.10
N MET A 286 7.52 -33.87 2.20
CA MET A 286 6.92 -32.54 2.40
C MET A 286 7.16 -31.62 1.21
N ALA A 287 8.24 -31.84 0.46
CA ALA A 287 8.58 -30.97 -0.67
C ALA A 287 7.50 -31.05 -1.74
N ALA A 288 6.70 -32.12 -1.69
CA ALA A 288 5.58 -32.31 -2.64
C ALA A 288 4.49 -31.26 -2.48
N LEU A 289 4.54 -30.42 -1.44
CA LEU A 289 3.58 -29.32 -1.34
C LEU A 289 3.68 -28.46 -2.61
N TYR A 290 4.87 -28.45 -3.21
CA TYR A 290 5.07 -27.83 -4.51
C TYR A 290 4.11 -28.39 -5.55
N LYS A 291 4.03 -29.71 -5.62
CA LYS A 291 3.17 -30.37 -6.59
C LYS A 291 1.70 -30.10 -6.32
N LYS A 292 1.31 -30.14 -5.05
CA LYS A 292 -0.04 -29.81 -4.65
C LYS A 292 -0.43 -28.39 -5.11
N VAL A 293 0.43 -27.41 -4.83
CA VAL A 293 0.14 -26.03 -5.18
C VAL A 293 0.16 -25.82 -6.69
N SER A 294 1.06 -26.51 -7.39
CA SER A 294 1.14 -26.50 -8.88
C SER A 294 0.00 -27.16 -9.60
N GLU A 295 -0.76 -28.01 -8.91
CA GLU A 295 -1.82 -28.77 -9.57
C GLU A 295 -2.70 -27.88 -10.47
N GLN A 296 -3.00 -26.68 -9.97
CA GLN A 296 -3.82 -25.70 -10.67
C GLN A 296 -3.26 -25.20 -12.02
N LEU A 297 -1.98 -25.41 -12.32
CA LEU A 297 -1.37 -24.93 -13.57
C LEU A 297 -1.92 -25.63 -14.83
N ASP B 5 34.82 -0.10 -25.53
CA ASP B 5 33.62 0.59 -26.04
C ASP B 5 33.19 1.71 -25.07
N PRO B 6 32.91 2.93 -25.58
CA PRO B 6 32.74 4.11 -24.70
C PRO B 6 31.60 3.97 -23.69
N MET B 7 31.91 4.13 -22.42
CA MET B 7 30.86 4.17 -21.41
C MET B 7 31.25 5.16 -20.33
N LYS B 8 31.42 6.40 -20.75
CA LYS B 8 31.83 7.48 -19.88
C LYS B 8 30.67 8.42 -19.55
N LYS B 9 29.83 8.70 -20.54
CA LYS B 9 28.69 9.58 -20.37
C LYS B 9 27.44 8.85 -19.94
N ILE B 10 27.03 9.02 -18.69
CA ILE B 10 25.89 8.30 -18.12
C ILE B 10 24.77 9.27 -17.74
N GLY B 11 23.56 8.95 -18.16
CA GLY B 11 22.39 9.73 -17.81
C GLY B 11 21.75 9.06 -16.62
N PHE B 12 21.10 9.82 -15.74
CA PHE B 12 20.44 9.22 -14.60
C PHE B 12 19.16 10.02 -14.30
N ILE B 13 18.02 9.39 -14.52
CA ILE B 13 16.71 9.99 -14.39
C ILE B 13 16.03 9.33 -13.19
N GLY B 14 15.81 10.14 -12.18
CA GLY B 14 15.26 9.68 -10.92
C GLY B 14 16.35 9.76 -9.89
N LEU B 15 16.41 10.89 -9.19
CA LEU B 15 17.44 11.18 -8.17
C LEU B 15 16.80 11.12 -6.78
N GLY B 16 16.02 10.07 -6.54
CA GLY B 16 15.27 9.94 -5.32
C GLY B 16 16.04 9.13 -4.31
N ASN B 17 15.29 8.36 -3.51
CA ASN B 17 15.88 7.64 -2.35
C ASN B 17 17.06 6.79 -2.79
N MET B 18 16.88 6.05 -3.88
CA MET B 18 17.90 5.20 -4.42
C MET B 18 18.75 5.92 -5.48
N GLY B 19 18.11 6.73 -6.32
CA GLY B 19 18.81 7.37 -7.43
C GLY B 19 19.88 8.35 -7.01
N LEU B 20 19.63 9.11 -5.94
CA LEU B 20 20.52 10.16 -5.56
C LEU B 20 21.86 9.49 -5.17
N PRO B 21 21.86 8.54 -4.22
CA PRO B 21 23.14 7.90 -3.89
C PRO B 21 23.78 7.15 -5.05
N MET B 22 22.97 6.51 -5.88
CA MET B 22 23.52 5.79 -7.02
C MET B 22 24.22 6.75 -7.97
N SER B 23 23.51 7.82 -8.33
CA SER B 23 24.05 8.81 -9.22
C SER B 23 25.35 9.43 -8.67
N LYS B 24 25.40 9.73 -7.37
CA LYS B 24 26.61 10.30 -6.78
C LYS B 24 27.77 9.31 -6.79
N ASN B 25 27.47 8.04 -6.57
CA ASN B 25 28.50 7.01 -6.63
C ASN B 25 29.10 6.89 -8.05
N LEU B 26 28.26 7.00 -9.05
CA LEU B 26 28.81 7.11 -10.42
C LEU B 26 29.76 8.29 -10.58
N VAL B 27 29.39 9.47 -10.09
CA VAL B 27 30.31 10.62 -10.13
C VAL B 27 31.64 10.26 -9.42
N LYS B 28 31.54 9.74 -8.20
CA LYS B 28 32.72 9.37 -7.42
C LYS B 28 33.59 8.32 -8.13
N SER B 29 32.98 7.53 -9.02
CA SER B 29 33.67 6.50 -9.77
C SER B 29 34.25 6.94 -11.13
N GLY B 30 34.19 8.22 -11.40
CA GLY B 30 34.86 8.84 -12.55
C GLY B 30 33.98 9.00 -13.77
N TYR B 31 32.68 8.65 -13.68
CA TYR B 31 31.78 8.80 -14.83
C TYR B 31 31.33 10.27 -14.96
N THR B 32 31.04 10.71 -16.19
CA THR B 32 30.43 12.02 -16.37
C THR B 32 28.92 11.77 -16.30
N VAL B 33 28.27 12.32 -15.29
CA VAL B 33 26.89 11.95 -15.00
C VAL B 33 25.96 13.13 -15.15
N TYR B 34 24.94 12.94 -15.99
CA TYR B 34 23.93 13.95 -16.29
C TYR B 34 22.63 13.46 -15.66
N GLY B 35 22.13 14.26 -14.72
CA GLY B 35 21.04 13.87 -13.88
C GLY B 35 19.81 14.75 -14.12
N VAL B 36 18.65 14.12 -13.88
CA VAL B 36 17.37 14.74 -14.06
C VAL B 36 16.42 14.31 -12.95
N ASP B 37 15.78 15.28 -12.33
CA ASP B 37 14.73 15.00 -11.38
C ASP B 37 13.82 16.20 -11.27
N LEU B 38 12.54 15.91 -11.09
CA LEU B 38 11.57 16.95 -10.76
C LEU B 38 11.96 17.74 -9.50
N ASN B 39 12.64 17.08 -8.58
CA ASN B 39 12.99 17.66 -7.29
C ASN B 39 14.27 18.48 -7.46
N LYS B 40 14.13 19.80 -7.40
CA LYS B 40 15.24 20.68 -7.61
C LYS B 40 16.31 20.59 -6.51
N GLU B 41 15.91 20.27 -5.28
CA GLU B 41 16.88 20.04 -4.19
C GLU B 41 17.73 18.81 -4.46
N ALA B 42 17.10 17.75 -4.98
CA ALA B 42 17.82 16.53 -5.33
C ALA B 42 18.80 16.84 -6.44
N GLU B 43 18.36 17.57 -7.46
CA GLU B 43 19.28 18.01 -8.52
C GLU B 43 20.45 18.83 -7.99
N ALA B 44 20.19 19.74 -7.07
CA ALA B 44 21.23 20.61 -6.48
C ALA B 44 22.23 19.79 -5.66
N SER B 45 21.72 18.87 -4.85
CA SER B 45 22.59 17.99 -4.06
C SER B 45 23.55 17.17 -4.96
N PHE B 46 23.01 16.59 -6.03
CA PHE B 46 23.78 15.87 -7.06
C PHE B 46 24.82 16.77 -7.75
N GLU B 47 24.38 17.93 -8.20
CA GLU B 47 25.24 18.88 -8.86
C GLU B 47 26.41 19.24 -7.96
N LYS B 48 26.11 19.46 -6.69
CA LYS B 48 27.11 19.86 -5.71
C LYS B 48 28.27 18.83 -5.63
N GLU B 49 28.01 17.57 -5.93
CA GLU B 49 29.08 16.56 -5.96
C GLU B 49 29.79 16.42 -7.31
N GLY B 50 29.44 17.24 -8.28
CA GLY B 50 30.02 17.12 -9.64
C GLY B 50 29.11 16.48 -10.69
N GLY B 51 27.86 16.21 -10.32
CA GLY B 51 26.83 15.86 -11.29
C GLY B 51 26.53 17.02 -12.24
N ILE B 52 26.10 16.74 -13.46
CA ILE B 52 25.70 17.82 -14.39
C ILE B 52 24.17 17.82 -14.54
N ILE B 53 23.52 18.95 -14.33
CA ILE B 53 22.08 19.04 -14.44
C ILE B 53 21.73 20.05 -15.53
N GLY B 54 20.42 20.16 -15.81
CA GLY B 54 19.89 21.11 -16.76
C GLY B 54 19.64 20.56 -18.15
N LEU B 55 19.93 19.27 -18.38
CA LEU B 55 19.68 18.62 -19.68
C LEU B 55 18.38 17.80 -19.61
N SER B 56 17.62 17.79 -20.69
CA SER B 56 16.33 17.11 -20.70
C SER B 56 16.49 15.59 -20.82
N ILE B 57 15.41 14.87 -20.53
CA ILE B 57 15.35 13.43 -20.75
C ILE B 57 15.75 13.11 -22.20
N SER B 58 15.21 13.94 -23.08
CA SER B 58 15.46 13.88 -24.47
C SER B 58 16.93 14.01 -24.77
N LYS B 59 17.55 15.02 -24.18
CA LYS B 59 18.97 15.26 -24.39
C LYS B 59 19.85 14.12 -23.85
N LEU B 60 19.47 13.49 -22.75
CA LEU B 60 20.20 12.35 -22.19
C LEU B 60 20.16 11.16 -23.19
N ALA B 61 18.98 10.93 -23.74
CA ALA B 61 18.77 9.88 -24.74
C ALA B 61 19.62 10.11 -25.97
N GLU B 62 19.76 11.36 -26.38
CA GLU B 62 20.53 11.66 -27.61
C GLU B 62 22.02 11.50 -27.37
N THR B 63 22.48 11.84 -26.17
CA THR B 63 23.90 12.12 -25.99
C THR B 63 24.64 11.14 -25.08
N CYS B 64 23.93 10.40 -24.24
CA CYS B 64 24.58 9.57 -23.23
C CYS B 64 24.86 8.17 -23.76
N ASP B 65 25.93 7.55 -23.27
CA ASP B 65 26.25 6.16 -23.62
C ASP B 65 25.27 5.20 -22.95
N VAL B 66 24.97 5.46 -21.68
CA VAL B 66 24.02 4.63 -20.96
C VAL B 66 23.10 5.57 -20.17
N VAL B 67 21.82 5.27 -20.11
CA VAL B 67 20.94 6.05 -19.26
C VAL B 67 20.24 5.13 -18.27
N PHE B 68 20.38 5.44 -16.98
CA PHE B 68 19.67 4.74 -15.95
C PHE B 68 18.41 5.48 -15.55
N THR B 69 17.38 4.73 -15.18
CA THR B 69 16.19 5.25 -14.56
C THR B 69 15.95 4.59 -13.18
N SER B 70 15.54 5.42 -12.23
CA SER B 70 15.15 4.96 -10.90
C SER B 70 13.90 5.74 -10.55
N LEU B 71 12.75 5.16 -10.90
CA LEU B 71 11.47 5.86 -10.86
C LEU B 71 10.48 5.15 -9.93
N PRO B 72 9.47 5.89 -9.43
CA PRO B 72 8.71 5.35 -8.28
C PRO B 72 7.50 4.48 -8.62
N SER B 73 7.13 4.41 -9.90
CA SER B 73 5.92 3.70 -10.27
C SER B 73 5.94 3.37 -11.73
N PRO B 74 5.07 2.43 -12.15
CA PRO B 74 4.85 2.12 -13.57
C PRO B 74 4.52 3.37 -14.44
N ARG B 75 3.65 4.23 -13.94
CA ARG B 75 3.30 5.43 -14.67
CA ARG B 75 3.31 5.43 -14.68
C ARG B 75 4.47 6.36 -14.84
N ALA B 76 5.30 6.46 -13.82
CA ALA B 76 6.45 7.33 -13.90
C ALA B 76 7.42 6.79 -14.95
N VAL B 77 7.58 5.46 -14.97
CA VAL B 77 8.42 4.79 -15.96
C VAL B 77 7.85 5.02 -17.38
N GLU B 78 6.53 4.92 -17.53
CA GLU B 78 5.91 5.14 -18.81
C GLU B 78 6.11 6.56 -19.27
N ALA B 79 5.93 7.52 -18.35
CA ALA B 79 6.04 8.91 -18.68
C ALA B 79 7.48 9.25 -19.12
N VAL B 80 8.46 8.52 -18.63
CA VAL B 80 9.86 8.82 -18.96
C VAL B 80 10.28 8.11 -20.25
N TYR B 81 9.82 6.88 -20.46
CA TYR B 81 10.21 6.06 -21.64
C TYR B 81 9.49 6.31 -22.96
N PHE B 82 8.18 6.57 -22.87
CA PHE B 82 7.34 6.64 -24.05
C PHE B 82 7.01 8.08 -24.39
N GLY B 83 6.62 8.31 -25.63
CA GLY B 83 6.17 9.63 -26.09
C GLY B 83 7.27 10.42 -26.75
N ALA B 84 6.90 11.55 -27.35
CA ALA B 84 7.79 12.34 -28.19
C ALA B 84 8.99 12.91 -27.46
N GLU B 85 8.83 13.23 -26.19
CA GLU B 85 9.93 13.78 -25.42
C GLU B 85 10.63 12.72 -24.55
N GLY B 86 10.35 11.45 -24.80
CA GLY B 86 10.83 10.38 -23.94
C GLY B 86 12.09 9.71 -24.41
N LEU B 87 12.49 8.67 -23.70
CA LEU B 87 13.77 8.03 -23.93
C LEU B 87 13.80 7.29 -25.25
N PHE B 88 12.77 6.51 -25.54
CA PHE B 88 12.81 5.63 -26.73
C PHE B 88 12.82 6.37 -28.06
N GLU B 89 12.00 7.41 -28.15
CA GLU B 89 11.88 8.20 -29.34
C GLU B 89 13.10 9.07 -29.64
N ASN B 90 13.97 9.27 -28.64
CA ASN B 90 15.09 10.19 -28.80
C ASN B 90 16.44 9.51 -28.60
N GLY B 91 16.44 8.21 -28.34
CA GLY B 91 17.68 7.50 -28.11
C GLY B 91 18.51 7.41 -29.39
N HIS B 92 19.80 7.71 -29.28
CA HIS B 92 20.72 7.54 -30.39
C HIS B 92 20.95 6.05 -30.63
N SER B 93 21.41 5.72 -31.81
CA SER B 93 21.44 4.34 -32.27
C SER B 93 22.26 3.40 -31.41
N ASN B 94 23.19 3.91 -30.62
CA ASN B 94 23.99 3.02 -29.75
C ASN B 94 23.69 3.08 -28.27
N VAL B 95 22.62 3.78 -27.90
CA VAL B 95 22.32 4.02 -26.48
C VAL B 95 21.90 2.72 -25.80
N VAL B 96 22.17 2.62 -24.50
CA VAL B 96 21.62 1.53 -23.69
C VAL B 96 20.83 2.18 -22.57
N PHE B 97 19.58 1.76 -22.40
CA PHE B 97 18.74 2.19 -21.29
C PHE B 97 18.64 1.05 -20.26
N ILE B 98 18.83 1.38 -19.00
CA ILE B 98 18.72 0.40 -17.94
C ILE B 98 17.71 0.89 -16.90
N ASP B 99 16.57 0.23 -16.77
CA ASP B 99 15.62 0.62 -15.72
C ASP B 99 15.88 -0.14 -14.45
N THR B 100 16.12 0.58 -13.33
CA THR B 100 16.34 -0.04 -12.06
C THR B 100 15.06 -0.03 -11.18
N SER B 101 13.97 0.49 -11.72
CA SER B 101 12.68 0.56 -11.01
C SER B 101 12.10 -0.85 -10.95
N THR B 102 11.19 -1.05 -10.02
CA THR B 102 10.39 -2.25 -9.97
C THR B 102 9.02 -1.97 -10.54
N VAL B 103 8.68 -2.63 -11.66
CA VAL B 103 7.40 -2.51 -12.31
C VAL B 103 6.94 -3.91 -12.65
N SER B 104 5.78 -4.04 -13.29
CA SER B 104 5.25 -5.35 -13.60
C SER B 104 6.04 -6.07 -14.71
N PRO B 105 6.05 -7.38 -14.67
CA PRO B 105 6.59 -8.11 -15.82
C PRO B 105 6.03 -7.61 -17.17
N GLN B 106 4.74 -7.32 -17.21
CA GLN B 106 4.11 -6.81 -18.41
C GLN B 106 4.69 -5.49 -18.90
N LEU B 107 5.02 -4.56 -18.00
CA LEU B 107 5.65 -3.31 -18.41
C LEU B 107 7.09 -3.54 -18.89
N ASN B 108 7.85 -4.41 -18.21
CA ASN B 108 9.18 -4.81 -18.70
C ASN B 108 9.07 -5.21 -20.17
N LYS B 109 8.10 -6.08 -20.49
CA LYS B 109 7.92 -6.55 -21.86
C LYS B 109 7.55 -5.43 -22.87
N GLN B 110 6.63 -4.55 -22.48
CA GLN B 110 6.27 -3.40 -23.33
C GLN B 110 7.45 -2.44 -23.53
N LEU B 111 8.26 -2.24 -22.50
CA LEU B 111 9.44 -1.42 -22.65
C LEU B 111 10.38 -2.06 -23.69
N GLU B 112 10.61 -3.37 -23.56
CA GLU B 112 11.49 -4.05 -24.48
C GLU B 112 10.95 -4.08 -25.90
N GLU B 113 9.63 -4.20 -26.06
CA GLU B 113 9.06 -4.26 -27.40
C GLU B 113 9.33 -2.90 -28.06
N ALA B 114 9.23 -1.82 -27.27
CA ALA B 114 9.50 -0.47 -27.82
C ALA B 114 10.98 -0.27 -28.11
N ALA B 115 11.84 -0.92 -27.32
CA ALA B 115 13.28 -0.81 -27.53
C ALA B 115 13.62 -1.48 -28.84
N LYS B 116 13.05 -2.67 -29.06
CA LYS B 116 13.33 -3.41 -30.30
C LYS B 116 12.81 -2.66 -31.55
N GLU B 117 11.64 -2.01 -31.46
CA GLU B 117 11.11 -1.22 -32.57
C GLU B 117 12.08 -0.08 -32.92
N LYS B 118 12.62 0.58 -31.90
CA LYS B 118 13.54 1.67 -32.13
C LYS B 118 14.98 1.24 -32.36
N LYS B 119 15.25 -0.06 -32.25
CA LYS B 119 16.60 -0.60 -32.34
C LYS B 119 17.58 0.04 -31.34
N VAL B 120 17.12 0.22 -30.12
CA VAL B 120 17.98 0.64 -29.01
C VAL B 120 18.02 -0.50 -27.98
N ASP B 121 18.97 -0.41 -27.05
CA ASP B 121 19.14 -1.49 -26.09
C ASP B 121 18.44 -1.12 -24.80
N PHE B 122 17.82 -2.14 -24.18
CA PHE B 122 17.14 -1.97 -22.92
C PHE B 122 17.29 -3.21 -21.98
N LEU B 123 17.62 -2.93 -20.73
CA LEU B 123 17.66 -3.95 -19.68
C LEU B 123 16.74 -3.54 -18.56
N ALA B 124 16.02 -4.50 -18.02
CA ALA B 124 15.20 -4.30 -16.85
C ALA B 124 16.01 -4.90 -15.69
N ALA B 125 16.59 -4.01 -14.88
CA ALA B 125 17.51 -4.34 -13.86
C ALA B 125 17.05 -3.84 -12.48
N PRO B 126 15.94 -4.36 -11.99
CA PRO B 126 15.46 -3.85 -10.68
C PRO B 126 16.49 -4.06 -9.58
N VAL B 127 16.70 -3.04 -8.77
CA VAL B 127 17.58 -3.17 -7.64
C VAL B 127 16.83 -3.46 -6.36
N SER B 128 17.56 -4.06 -5.42
CA SER B 128 17.10 -4.21 -4.05
C SER B 128 18.22 -3.88 -3.06
N GLY B 129 17.84 -3.40 -1.85
CA GLY B 129 18.80 -3.06 -0.80
C GLY B 129 18.64 -1.73 -0.06
N GLY B 130 17.72 -0.88 -0.46
CA GLY B 130 17.46 0.32 0.35
C GLY B 130 18.48 1.45 0.14
N VAL B 131 18.23 2.55 0.82
CA VAL B 131 19.06 3.73 0.74
C VAL B 131 20.49 3.40 1.20
N ILE B 132 20.63 2.66 2.29
CA ILE B 132 21.95 2.39 2.83
C ILE B 132 22.75 1.50 1.93
N GLY B 133 22.09 0.52 1.34
CA GLY B 133 22.71 -0.29 0.33
C GLY B 133 23.15 0.49 -0.91
N ALA B 134 22.34 1.46 -1.32
CA ALA B 134 22.70 2.30 -2.42
C ALA B 134 23.94 3.12 -2.04
N GLU B 135 23.95 3.69 -0.84
CA GLU B 135 25.10 4.52 -0.42
C GLU B 135 26.38 3.73 -0.34
N ASN B 136 26.28 2.49 0.17
CA ASN B 136 27.41 1.62 0.44
C ASN B 136 27.81 0.72 -0.76
N ARG B 137 27.09 0.84 -1.84
CA ARG B 137 27.30 0.06 -3.06
C ARG B 137 27.19 -1.41 -2.81
N THR B 138 26.21 -1.81 -2.02
CA THR B 138 25.96 -3.20 -1.75
C THR B 138 24.62 -3.66 -2.32
N LEU B 139 24.03 -2.85 -3.20
CA LEU B 139 22.81 -3.23 -3.89
C LEU B 139 22.98 -4.55 -4.67
N THR B 140 21.85 -5.22 -4.80
CA THR B 140 21.70 -6.35 -5.71
C THR B 140 20.96 -5.88 -6.94
N PHE B 141 21.51 -6.18 -8.10
CA PHE B 141 20.90 -5.97 -9.38
C PHE B 141 20.49 -7.34 -9.90
N MET B 142 19.22 -7.51 -10.20
CA MET B 142 18.75 -8.72 -10.87
C MET B 142 18.28 -8.35 -12.27
N VAL B 143 18.99 -8.83 -13.29
CA VAL B 143 18.86 -8.25 -14.61
C VAL B 143 18.24 -9.22 -15.60
N GLY B 144 17.24 -8.73 -16.32
CA GLY B 144 16.69 -9.42 -17.47
C GLY B 144 16.95 -8.69 -18.79
N GLY B 145 17.07 -9.46 -19.86
CA GLY B 145 17.18 -8.88 -21.21
C GLY B 145 18.42 -9.40 -21.89
N SER B 146 18.80 -8.74 -22.98
CA SER B 146 19.90 -9.21 -23.81
C SER B 146 21.19 -9.47 -23.02
N LYS B 147 21.73 -10.67 -23.19
CA LYS B 147 23.01 -11.01 -22.59
C LYS B 147 24.16 -10.15 -23.12
N ASP B 148 24.23 -9.94 -24.41
CA ASP B 148 25.25 -9.05 -24.97
C ASP B 148 25.19 -7.65 -24.32
N VAL B 149 23.98 -7.11 -24.14
CA VAL B 149 23.84 -5.78 -23.52
C VAL B 149 24.23 -5.81 -22.03
N TYR B 150 23.83 -6.88 -21.34
CA TYR B 150 24.28 -7.11 -19.97
C TYR B 150 25.80 -7.11 -19.87
N GLU B 151 26.44 -7.86 -20.76
CA GLU B 151 27.90 -8.03 -20.70
C GLU B 151 28.59 -6.70 -20.95
N LYS B 152 27.98 -5.88 -21.79
CA LYS B 152 28.46 -4.56 -22.09
C LYS B 152 28.28 -3.59 -20.91
N THR B 153 27.30 -3.79 -20.05
CA THR B 153 27.02 -2.79 -18.99
C THR B 153 27.26 -3.28 -17.57
N GLU B 154 27.60 -4.54 -17.42
CA GLU B 154 27.85 -5.16 -16.13
C GLU B 154 28.87 -4.37 -15.34
N SER B 155 29.86 -3.82 -16.02
CA SER B 155 30.97 -3.10 -15.35
C SER B 155 30.48 -1.82 -14.66
N ILE B 156 29.47 -1.18 -15.23
CA ILE B 156 28.91 0.04 -14.62
C ILE B 156 28.04 -0.33 -13.45
N MET B 157 27.14 -1.29 -13.64
CA MET B 157 26.23 -1.66 -12.57
C MET B 157 26.99 -2.19 -11.40
N GLY B 158 28.11 -2.86 -11.70
CA GLY B 158 28.96 -3.43 -10.68
C GLY B 158 29.66 -2.41 -9.78
N VAL B 159 29.84 -1.15 -10.18
CA VAL B 159 30.40 -0.16 -9.25
C VAL B 159 29.32 0.27 -8.26
N LEU B 160 28.04 -0.05 -8.55
CA LEU B 160 26.89 0.37 -7.69
C LEU B 160 26.34 -0.69 -6.73
N GLY B 161 26.78 -1.95 -6.88
CA GLY B 161 26.24 -3.07 -6.09
C GLY B 161 27.24 -4.12 -5.69
N ALA B 162 26.83 -5.05 -4.83
CA ALA B 162 27.65 -6.21 -4.50
C ALA B 162 27.28 -7.39 -5.46
N ASN B 163 26.02 -7.74 -5.52
CA ASN B 163 25.58 -8.88 -6.33
C ASN B 163 24.88 -8.35 -7.56
N ILE B 164 25.50 -8.60 -8.71
CA ILE B 164 24.97 -8.25 -10.02
C ILE B 164 24.72 -9.56 -10.75
N PHE B 165 23.45 -9.83 -11.03
CA PHE B 165 23.04 -11.09 -11.64
C PHE B 165 22.32 -10.87 -12.95
N HIS B 166 22.72 -11.61 -13.97
CA HIS B 166 21.91 -11.77 -15.15
C HIS B 166 21.05 -13.03 -15.00
N VAL B 167 19.74 -12.88 -15.04
CA VAL B 167 18.88 -14.03 -14.84
C VAL B 167 18.70 -14.80 -16.14
N SER B 168 18.06 -14.17 -17.12
CA SER B 168 17.88 -14.75 -18.45
C SER B 168 17.52 -13.65 -19.45
N GLU B 169 17.41 -14.03 -20.72
CA GLU B 169 17.12 -13.06 -21.76
C GLU B 169 15.66 -12.66 -21.75
N GLN B 170 14.81 -13.35 -21.00
CA GLN B 170 13.47 -12.86 -20.77
C GLN B 170 13.60 -11.56 -19.98
N ILE B 171 13.05 -10.51 -20.55
CA ILE B 171 13.18 -9.18 -20.05
C ILE B 171 12.64 -9.05 -18.65
N ASP B 172 11.58 -9.80 -18.32
CA ASP B 172 10.97 -9.74 -16.99
C ASP B 172 11.62 -10.66 -15.92
N SER B 173 12.69 -11.37 -16.29
CA SER B 173 13.24 -12.41 -15.44
C SER B 173 13.84 -11.82 -14.15
N GLY B 174 14.51 -10.69 -14.24
CA GLY B 174 15.07 -10.01 -13.03
C GLY B 174 13.96 -9.57 -12.07
N THR B 175 12.97 -8.89 -12.60
CA THR B 175 11.80 -8.52 -11.82
C THR B 175 11.18 -9.72 -11.14
N THR B 176 10.99 -10.79 -11.90
CA THR B 176 10.36 -11.97 -11.38
C THR B 176 11.14 -12.61 -10.26
N VAL B 177 12.45 -12.75 -10.44
CA VAL B 177 13.28 -13.26 -9.36
C VAL B 177 13.29 -12.35 -8.15
N LYS B 178 13.35 -11.04 -8.34
CA LYS B 178 13.21 -10.06 -7.23
C LYS B 178 11.92 -10.29 -6.44
N LEU B 179 10.81 -10.44 -7.15
CA LEU B 179 9.52 -10.67 -6.50
C LEU B 179 9.47 -11.98 -5.69
N ILE B 180 10.01 -13.05 -6.25
CA ILE B 180 10.14 -14.34 -5.59
CA ILE B 180 10.12 -14.30 -5.56
C ILE B 180 11.06 -14.22 -4.35
N ASN B 181 12.18 -13.50 -4.49
CA ASN B 181 13.06 -13.22 -3.34
C ASN B 181 12.29 -12.57 -2.18
N ASN B 182 11.56 -11.53 -2.51
CA ASN B 182 10.75 -10.80 -1.53
C ASN B 182 9.57 -11.62 -0.95
N LEU B 183 8.94 -12.45 -1.79
CA LEU B 183 7.92 -13.39 -1.32
C LEU B 183 8.48 -14.40 -0.32
N LEU B 184 9.64 -14.97 -0.60
CA LEU B 184 10.27 -15.86 0.37
C LEU B 184 10.62 -15.11 1.65
N ILE B 185 11.06 -13.87 1.55
CA ILE B 185 11.29 -13.04 2.76
C ILE B 185 10.01 -12.92 3.64
N GLY B 186 8.88 -12.62 3.00
CA GLY B 186 7.61 -12.56 3.65
C GLY B 186 7.29 -13.81 4.47
N PHE B 187 7.44 -14.97 3.84
CA PHE B 187 7.26 -16.21 4.55
C PHE B 187 8.23 -16.36 5.67
N TYR B 188 9.51 -16.11 5.43
CA TYR B 188 10.55 -16.40 6.41
C TYR B 188 10.41 -15.46 7.60
N THR B 189 10.15 -14.19 7.35
CA THR B 189 9.94 -13.21 8.48
C THR B 189 8.70 -13.57 9.36
N ALA B 190 7.66 -14.05 8.70
CA ALA B 190 6.42 -14.46 9.36
C ALA B 190 6.71 -15.68 10.29
N GLY B 191 7.43 -16.67 9.77
CA GLY B 191 7.79 -17.85 10.55
C GLY B 191 8.64 -17.51 11.74
N VAL B 192 9.68 -16.72 11.55
CA VAL B 192 10.51 -16.23 12.64
C VAL B 192 9.67 -15.50 13.70
N SER B 193 8.78 -14.60 13.25
CA SER B 193 7.99 -13.82 14.15
C SER B 193 7.06 -14.66 14.98
N GLU B 194 6.31 -15.55 14.35
CA GLU B 194 5.40 -16.44 15.06
C GLU B 194 6.18 -17.45 15.89
N ALA B 195 7.18 -18.11 15.31
CA ALA B 195 7.91 -19.15 16.07
C ALA B 195 8.63 -18.59 17.30
N LEU B 196 9.28 -17.44 17.18
CA LEU B 196 9.95 -16.84 18.37
C LEU B 196 8.97 -16.33 19.46
N THR B 197 7.78 -15.84 19.08
CA THR B 197 6.76 -15.54 20.06
C THR B 197 6.35 -16.76 20.87
N LEU B 198 6.18 -17.90 20.20
CA LEU B 198 5.91 -19.15 20.91
C LEU B 198 7.05 -19.51 21.86
N ALA B 199 8.29 -19.39 21.38
CA ALA B 199 9.48 -19.66 22.20
C ALA B 199 9.54 -18.73 23.42
N LYS B 200 9.36 -17.44 23.17
CA LYS B 200 9.42 -16.47 24.22
C LYS B 200 8.33 -16.71 25.25
N LYS B 201 7.11 -16.95 24.77
CA LYS B 201 5.99 -17.20 25.66
C LYS B 201 6.28 -18.38 26.59
N ASN B 202 6.99 -19.38 26.11
CA ASN B 202 7.40 -20.53 26.94
C ASN B 202 8.81 -20.39 27.54
N ASN B 203 9.28 -19.15 27.70
CA ASN B 203 10.52 -18.81 28.41
C ASN B 203 11.79 -19.51 27.89
N MET B 204 11.87 -19.74 26.58
CA MET B 204 13.07 -20.30 26.00
C MET B 204 14.23 -19.28 25.95
N ASP B 205 15.45 -19.76 26.04
CA ASP B 205 16.61 -18.91 25.85
C ASP B 205 16.78 -18.69 24.34
N LEU B 206 16.39 -17.51 23.84
CA LEU B 206 16.35 -17.26 22.41
C LEU B 206 17.73 -17.28 21.75
N ASP B 207 18.77 -16.85 22.48
CA ASP B 207 20.16 -16.93 21.97
C ASP B 207 20.60 -18.39 21.75
N LYS B 208 20.40 -19.23 22.75
CA LYS B 208 20.75 -20.66 22.67
C LYS B 208 19.92 -21.36 21.60
N MET B 209 18.64 -21.00 21.54
CA MET B 209 17.75 -21.60 20.56
C MET B 209 18.24 -21.30 19.14
N PHE B 210 18.62 -20.05 18.85
CA PHE B 210 19.21 -19.67 17.59
C PHE B 210 20.48 -20.49 17.25
N ASP B 211 21.40 -20.59 18.19
CA ASP B 211 22.61 -21.41 18.01
C ASP B 211 22.27 -22.78 17.46
N ILE B 212 21.23 -23.39 18.01
CA ILE B 212 20.75 -24.71 17.59
C ILE B 212 20.03 -24.68 16.23
N LEU B 213 19.02 -23.84 16.10
CA LEU B 213 18.23 -23.80 14.86
C LEU B 213 19.05 -23.34 13.65
N ASN B 214 20.03 -22.47 13.89
CA ASN B 214 20.84 -21.86 12.84
C ASN B 214 21.75 -22.86 12.19
N VAL B 215 22.01 -24.00 12.85
CA VAL B 215 22.69 -25.13 12.19
C VAL B 215 21.77 -26.37 12.01
N SER B 216 20.45 -26.18 12.01
CA SER B 216 19.49 -27.27 11.82
C SER B 216 18.60 -26.86 10.65
N TYR B 217 17.56 -27.60 10.34
CA TYR B 217 16.74 -27.20 9.19
C TYR B 217 15.81 -26.01 9.48
N GLY B 218 15.82 -25.49 10.70
CA GLY B 218 15.29 -24.13 10.97
C GLY B 218 16.04 -22.92 10.40
N GLN B 219 17.17 -23.18 9.73
CA GLN B 219 18.13 -22.14 9.35
C GLN B 219 17.62 -21.33 8.16
N SER B 220 17.79 -20.02 8.25
CA SER B 220 17.69 -19.13 7.07
C SER B 220 18.44 -17.83 7.28
N ARG B 221 18.91 -17.24 6.18
CA ARG B 221 19.54 -15.94 6.25
C ARG B 221 18.63 -14.92 6.90
N ILE B 222 17.34 -15.04 6.69
CA ILE B 222 16.36 -14.12 7.28
C ILE B 222 16.26 -14.31 8.80
N TYR B 223 16.30 -15.56 9.25
CA TYR B 223 16.28 -15.81 10.67
C TYR B 223 17.51 -15.18 11.31
N GLU B 224 18.69 -15.44 10.74
CA GLU B 224 19.90 -14.76 11.23
C GLU B 224 19.80 -13.24 11.24
N ARG B 225 19.35 -12.67 10.12
CA ARG B 225 19.17 -11.23 10.00
C ARG B 225 18.19 -10.73 11.07
N ASN B 226 16.98 -11.23 11.04
CA ASN B 226 15.93 -10.68 11.88
C ASN B 226 16.29 -10.87 13.37
N TYR B 227 16.80 -12.05 13.71
CA TYR B 227 17.11 -12.32 15.11
C TYR B 227 18.32 -11.55 15.59
N LYS B 228 19.46 -11.69 14.94
CA LYS B 228 20.72 -11.13 15.46
C LYS B 228 20.81 -9.61 15.34
N SER B 229 20.26 -9.02 14.29
CA SER B 229 20.39 -7.59 14.07
C SER B 229 19.16 -6.77 14.52
N PHE B 230 18.05 -7.43 14.87
CA PHE B 230 16.85 -6.66 15.19
C PHE B 230 16.17 -7.10 16.47
N ILE B 231 15.62 -8.30 16.49
CA ILE B 231 14.99 -8.88 17.70
C ILE B 231 15.93 -8.94 18.93
N ALA B 232 17.10 -9.60 18.82
CA ALA B 232 17.97 -9.75 19.98
C ALA B 232 18.28 -8.38 20.58
N PRO B 233 18.75 -7.42 19.77
CA PRO B 233 19.08 -6.13 20.37
C PRO B 233 17.89 -5.16 20.49
N GLU B 234 16.67 -5.58 20.18
CA GLU B 234 15.50 -4.74 20.30
C GLU B 234 15.59 -3.45 19.46
N ASN B 235 16.09 -3.58 18.24
CA ASN B 235 16.18 -2.50 17.32
C ASN B 235 15.24 -2.78 16.16
N TYR B 236 14.33 -1.86 15.92
CA TYR B 236 13.35 -2.01 14.86
C TYR B 236 13.35 -0.86 13.83
N GLU B 237 14.47 -0.16 13.75
CA GLU B 237 14.68 0.80 12.67
C GLU B 237 15.00 0.07 11.38
N PRO B 238 14.36 0.47 10.27
CA PRO B 238 14.62 -0.13 8.96
C PRO B 238 16.02 0.28 8.52
N GLY B 239 16.79 -0.55 7.82
CA GLY B 239 16.42 -1.87 7.37
C GLY B 239 15.46 -1.83 6.20
N PHE B 240 14.47 -2.69 6.25
CA PHE B 240 13.54 -2.83 5.16
C PHE B 240 12.13 -2.78 5.76
N THR B 241 11.39 -1.73 5.45
CA THR B 241 10.14 -1.48 6.20
C THR B 241 9.06 -2.54 5.90
N VAL B 242 8.24 -2.82 6.90
CA VAL B 242 6.96 -3.46 6.71
C VAL B 242 6.23 -2.92 5.46
N ASN B 243 6.12 -1.60 5.35
CA ASN B 243 5.37 -1.02 4.24
C ASN B 243 5.98 -1.38 2.86
N LEU B 244 7.30 -1.46 2.77
CA LEU B 244 7.95 -1.72 1.48
C LEU B 244 7.99 -3.22 1.19
N LEU B 245 8.15 -4.02 2.23
CA LEU B 245 7.96 -5.43 2.03
C LEU B 245 6.56 -5.69 1.47
N LYS B 246 5.54 -5.10 2.07
CA LYS B 246 4.19 -5.42 1.66
C LYS B 246 3.83 -4.88 0.30
N LYS B 247 4.46 -3.79 -0.13
CA LYS B 247 4.32 -3.33 -1.49
C LYS B 247 4.79 -4.38 -2.48
N ASP B 248 5.97 -4.92 -2.24
CA ASP B 248 6.51 -6.01 -3.09
C ASP B 248 5.69 -7.31 -3.00
N LEU B 249 5.16 -7.65 -1.83
CA LEU B 249 4.22 -8.77 -1.70
C LEU B 249 2.98 -8.52 -2.56
N GLY B 250 2.43 -7.31 -2.48
CA GLY B 250 1.33 -6.93 -3.35
C GLY B 250 1.66 -7.18 -4.80
N PHE B 251 2.86 -6.82 -5.23
CA PHE B 251 3.25 -7.05 -6.65
C PHE B 251 3.33 -8.54 -6.96
N ALA B 252 3.84 -9.33 -6.05
CA ALA B 252 3.85 -10.78 -6.24
C ALA B 252 2.45 -11.33 -6.31
N VAL B 253 1.56 -10.90 -5.40
CA VAL B 253 0.15 -11.35 -5.47
C VAL B 253 -0.53 -10.92 -6.78
N ASP B 254 -0.28 -9.67 -7.22
CA ASP B 254 -0.84 -9.19 -8.51
C ASP B 254 -0.37 -10.06 -9.65
N LEU B 255 0.92 -10.44 -9.65
CA LEU B 255 1.42 -11.30 -10.71
C LEU B 255 0.73 -12.67 -10.72
N ALA B 256 0.59 -13.26 -9.53
CA ALA B 256 -0.14 -14.50 -9.31
C ALA B 256 -1.56 -14.44 -9.90
N LYS B 257 -2.33 -13.43 -9.50
CA LYS B 257 -3.71 -13.26 -9.92
C LYS B 257 -3.83 -13.02 -11.40
N GLU B 258 -2.82 -12.39 -11.95
CA GLU B 258 -2.66 -12.24 -13.38
C GLU B 258 -2.52 -13.57 -14.13
N SER B 259 -1.81 -14.52 -13.50
CA SER B 259 -1.48 -15.84 -14.07
C SER B 259 -2.53 -16.85 -13.66
N GLU B 260 -3.69 -16.38 -13.25
CA GLU B 260 -4.76 -17.22 -12.73
C GLU B 260 -4.33 -18.19 -11.58
N LEU B 261 -3.43 -17.74 -10.71
CA LEU B 261 -2.88 -18.60 -9.64
C LEU B 261 -3.40 -18.19 -8.29
N HIS B 262 -3.86 -19.18 -7.54
CA HIS B 262 -4.24 -18.95 -6.15
C HIS B 262 -3.10 -19.42 -5.23
N LEU B 263 -2.44 -18.46 -4.59
CA LEU B 263 -1.37 -18.69 -3.59
C LEU B 263 -1.87 -18.27 -2.21
N PRO B 264 -2.55 -19.21 -1.50
CA PRO B 264 -3.32 -18.82 -0.35
C PRO B 264 -2.48 -18.25 0.79
N VAL B 265 -1.35 -18.87 1.11
CA VAL B 265 -0.51 -18.37 2.18
C VAL B 265 0.09 -17.01 1.82
N SER B 266 0.50 -16.83 0.56
CA SER B 266 1.02 -15.52 0.09
C SER B 266 -0.02 -14.41 0.29
N GLU B 267 -1.26 -14.71 -0.10
CA GLU B 267 -2.36 -13.73 0.02
C GLU B 267 -2.59 -13.46 1.51
N MET B 268 -2.48 -14.50 2.33
CA MET B 268 -2.62 -14.32 3.76
C MET B 268 -1.50 -13.45 4.32
N LEU B 269 -0.28 -13.70 3.88
CA LEU B 269 0.86 -12.89 4.33
C LEU B 269 0.73 -11.41 3.95
N LEU B 270 0.25 -11.10 2.76
CA LEU B 270 -0.01 -9.70 2.37
C LEU B 270 -0.91 -9.04 3.40
N ASN B 271 -2.00 -9.69 3.78
CA ASN B 271 -2.85 -9.17 4.84
C ASN B 271 -2.17 -9.09 6.20
N VAL B 272 -1.35 -10.08 6.58
CA VAL B 272 -0.63 -10.01 7.87
C VAL B 272 0.27 -8.77 7.99
N TYR B 273 1.06 -8.53 6.95
CA TYR B 273 1.88 -7.31 6.92
C TYR B 273 1.03 -6.03 6.81
N ASP B 274 -0.10 -6.08 6.12
CA ASP B 274 -1.01 -4.89 6.12
C ASP B 274 -1.55 -4.62 7.50
N GLU B 275 -1.94 -5.67 8.23
CA GLU B 275 -2.41 -5.50 9.62
C GLU B 275 -1.31 -5.01 10.54
N ALA B 276 -0.08 -5.49 10.29
CA ALA B 276 1.06 -5.06 11.07
C ALA B 276 1.27 -3.56 10.85
N SER B 277 1.12 -3.10 9.60
CA SER B 277 1.25 -1.69 9.32
C SER B 277 0.12 -0.89 9.98
N GLN B 278 -1.10 -1.36 9.86
CA GLN B 278 -2.23 -0.68 10.47
C GLN B 278 -2.07 -0.55 11.98
N ALA B 279 -1.47 -1.57 12.63
CA ALA B 279 -1.24 -1.52 14.06
C ALA B 279 -0.13 -0.52 14.44
N GLY B 280 0.53 0.11 13.48
CA GLY B 280 1.61 1.07 13.76
C GLY B 280 3.04 0.68 13.45
N TYR B 281 3.27 -0.51 12.87
CA TYR B 281 4.64 -0.95 12.53
C TYR B 281 5.09 -0.72 11.06
N GLY B 282 4.32 0.05 10.31
CA GLY B 282 4.58 0.19 8.89
C GLY B 282 5.95 0.75 8.49
N GLU B 283 6.46 1.70 9.24
CA GLU B 283 7.78 2.28 8.98
C GLU B 283 8.87 1.68 9.86
N ASN B 284 8.53 0.64 10.60
CA ASN B 284 9.53 -0.20 11.25
C ASN B 284 10.11 -1.23 10.30
N ASP B 285 11.22 -1.82 10.71
CA ASP B 285 11.78 -2.94 9.98
C ASP B 285 10.79 -4.07 9.99
N MET B 286 10.80 -4.85 8.91
CA MET B 286 9.93 -6.00 8.78
C MET B 286 10.05 -6.94 9.97
N ALA B 287 11.25 -7.06 10.54
CA ALA B 287 11.45 -7.88 11.74
C ALA B 287 10.50 -7.52 12.89
N ALA B 288 9.98 -6.31 12.86
CA ALA B 288 8.99 -5.88 13.86
C ALA B 288 7.68 -6.67 13.82
N LEU B 289 7.46 -7.51 12.80
CA LEU B 289 6.31 -8.40 12.85
C LEU B 289 6.39 -9.28 14.15
N TYR B 290 7.62 -9.54 14.63
CA TYR B 290 7.80 -10.17 15.92
C TYR B 290 7.14 -9.43 17.09
N LYS B 291 7.22 -8.10 17.08
CA LYS B 291 6.64 -7.28 18.13
C LYS B 291 5.13 -7.30 17.98
N LYS B 292 4.65 -7.28 16.72
CA LYS B 292 3.24 -7.36 16.51
C LYS B 292 2.64 -8.64 17.14
N VAL B 293 3.24 -9.79 16.81
CA VAL B 293 2.75 -11.08 17.32
C VAL B 293 2.92 -11.14 18.84
N SER B 294 4.04 -10.64 19.31
CA SER B 294 4.38 -10.54 20.72
C SER B 294 3.49 -9.61 21.56
N GLU B 295 2.61 -8.85 20.92
CA GLU B 295 1.65 -8.08 21.69
C GLU B 295 0.78 -9.00 22.55
N GLN B 296 0.73 -10.28 22.19
CA GLN B 296 -0.02 -11.27 22.97
C GLN B 296 0.66 -11.77 24.24
N LEU B 297 1.93 -11.44 24.46
CA LEU B 297 2.59 -11.87 25.71
C LEU B 297 1.99 -11.11 26.87
N ILE B 298 1.99 -11.75 28.04
CA ILE B 298 1.68 -11.13 29.30
C ILE B 298 2.40 -9.78 29.40
N LYS C 8 -18.85 60.17 -19.27
CA LYS C 8 -17.65 59.31 -19.52
C LYS C 8 -17.85 58.42 -20.74
N LYS C 9 -17.08 58.68 -21.79
CA LYS C 9 -17.25 58.06 -23.10
C LYS C 9 -16.62 56.68 -23.10
N ILE C 10 -17.40 55.65 -23.42
CA ILE C 10 -16.87 54.28 -23.44
C ILE C 10 -16.73 53.71 -24.86
N GLY C 11 -15.61 53.07 -25.10
CA GLY C 11 -15.44 52.36 -26.34
C GLY C 11 -15.59 50.88 -26.03
N PHE C 12 -16.11 50.12 -26.98
CA PHE C 12 -16.24 48.68 -26.81
C PHE C 12 -15.97 47.93 -28.10
N ILE C 13 -14.90 47.15 -28.11
CA ILE C 13 -14.44 46.44 -29.28
C ILE C 13 -14.55 44.94 -29.03
N GLY C 14 -15.35 44.29 -29.88
CA GLY C 14 -15.72 42.89 -29.69
C GLY C 14 -17.10 42.85 -29.06
N LEU C 15 -18.10 42.77 -29.92
CA LEU C 15 -19.51 42.71 -29.53
C LEU C 15 -20.08 41.31 -29.85
N GLY C 16 -19.43 40.27 -29.33
CA GLY C 16 -19.80 38.88 -29.60
C GLY C 16 -20.69 38.34 -28.50
N ASN C 17 -20.46 37.10 -28.11
CA ASN C 17 -21.26 36.46 -27.06
C ASN C 17 -21.25 37.19 -25.73
N MET C 18 -20.06 37.60 -25.32
CA MET C 18 -19.87 38.34 -24.08
C MET C 18 -20.02 39.84 -24.29
N GLY C 19 -19.44 40.35 -25.38
CA GLY C 19 -19.36 41.79 -25.62
C GLY C 19 -20.67 42.47 -25.99
N LEU C 20 -21.60 41.71 -26.57
CA LEU C 20 -22.86 42.29 -26.97
C LEU C 20 -23.71 42.61 -25.72
N PRO C 21 -23.91 41.64 -24.82
CA PRO C 21 -24.65 42.01 -23.60
C PRO C 21 -23.92 43.00 -22.69
N MET C 22 -22.60 42.90 -22.58
CA MET C 22 -21.84 43.84 -21.77
C MET C 22 -21.97 45.23 -22.35
N SER C 23 -21.78 45.37 -23.66
CA SER C 23 -21.90 46.67 -24.30
C SER C 23 -23.34 47.24 -24.14
N LYS C 24 -24.35 46.40 -24.29
CA LYS C 24 -25.75 46.83 -24.14
C LYS C 24 -26.05 47.27 -22.70
N ASN C 25 -25.45 46.58 -21.75
CA ASN C 25 -25.64 46.90 -20.35
C ASN C 25 -25.04 48.24 -19.98
N LEU C 26 -23.89 48.57 -20.55
CA LEU C 26 -23.28 49.87 -20.33
C LEU C 26 -24.22 51.00 -20.85
N VAL C 27 -24.80 50.79 -22.02
CA VAL C 27 -25.78 51.72 -22.57
C VAL C 27 -26.93 51.89 -21.59
N LYS C 28 -27.44 50.78 -21.08
CA LYS C 28 -28.56 50.80 -20.17
C LYS C 28 -28.24 51.44 -18.82
N SER C 29 -26.96 51.39 -18.42
CA SER C 29 -26.47 52.14 -17.25
C SER C 29 -26.21 53.64 -17.53
N GLY C 30 -26.46 54.09 -18.77
CA GLY C 30 -26.45 55.52 -19.08
C GLY C 30 -25.16 56.06 -19.65
N TYR C 31 -24.17 55.18 -19.85
CA TYR C 31 -22.90 55.54 -20.51
C TYR C 31 -23.15 55.73 -22.00
N THR C 32 -22.48 56.69 -22.62
CA THR C 32 -22.40 56.72 -24.10
C THR C 32 -21.35 55.71 -24.52
N VAL C 33 -21.74 54.78 -25.39
CA VAL C 33 -20.92 53.64 -25.74
C VAL C 33 -20.79 53.56 -27.25
N TYR C 34 -19.54 53.58 -27.71
CA TYR C 34 -19.18 53.41 -29.12
C TYR C 34 -18.67 52.02 -29.34
N GLY C 35 -19.24 51.34 -30.32
CA GLY C 35 -18.95 49.91 -30.51
C GLY C 35 -18.32 49.61 -31.86
N VAL C 36 -17.40 48.65 -31.87
CA VAL C 36 -16.75 48.17 -33.10
C VAL C 36 -16.74 46.65 -33.11
N ASP C 37 -17.09 46.08 -34.26
CA ASP C 37 -17.00 44.63 -34.49
C ASP C 37 -16.95 44.34 -36.01
N LEU C 38 -16.24 43.28 -36.38
CA LEU C 38 -16.12 42.84 -37.75
C LEU C 38 -17.48 42.38 -38.24
N ASN C 39 -18.26 41.83 -37.33
CA ASN C 39 -19.60 41.37 -37.66
C ASN C 39 -20.60 42.51 -37.66
N LYS C 40 -20.96 42.95 -38.86
CA LYS C 40 -21.83 44.09 -38.99
C LYS C 40 -23.23 43.83 -38.42
N GLU C 41 -23.62 42.58 -38.20
CA GLU C 41 -24.94 42.35 -37.64
C GLU C 41 -24.90 42.45 -36.12
N ALA C 42 -23.74 42.17 -35.55
CA ALA C 42 -23.48 42.41 -34.13
C ALA C 42 -23.47 43.90 -33.88
N GLU C 43 -22.81 44.66 -34.75
CA GLU C 43 -22.83 46.11 -34.68
C GLU C 43 -24.29 46.63 -34.77
N ALA C 44 -25.04 46.17 -35.77
CA ALA C 44 -26.43 46.65 -35.98
C ALA C 44 -27.34 46.38 -34.78
N SER C 45 -27.22 45.18 -34.19
CA SER C 45 -28.00 44.82 -32.99
C SER C 45 -27.68 45.72 -31.80
N PHE C 46 -26.40 46.03 -31.64
CA PHE C 46 -25.91 46.96 -30.62
C PHE C 46 -26.46 48.35 -30.85
N GLU C 47 -26.45 48.78 -32.10
CA GLU C 47 -26.97 50.09 -32.46
C GLU C 47 -28.48 50.18 -32.14
N LYS C 48 -29.23 49.18 -32.58
CA LYS C 48 -30.64 49.03 -32.25
C LYS C 48 -30.94 49.36 -30.77
N GLU C 49 -30.09 48.90 -29.87
CA GLU C 49 -30.28 49.15 -28.45
C GLU C 49 -29.48 50.35 -27.92
N GLY C 50 -29.29 51.36 -28.75
CA GLY C 50 -28.72 52.63 -28.29
C GLY C 50 -27.22 52.74 -28.39
N GLY C 51 -26.58 51.73 -28.97
CA GLY C 51 -25.14 51.78 -29.22
C GLY C 51 -24.85 52.71 -30.38
N ILE C 52 -23.63 53.26 -30.39
CA ILE C 52 -23.13 54.05 -31.53
C ILE C 52 -22.01 53.29 -32.26
N ILE C 53 -22.19 53.11 -33.56
CA ILE C 53 -21.26 52.32 -34.38
C ILE C 53 -20.70 53.17 -35.52
N GLY C 54 -19.81 52.57 -36.31
CA GLY C 54 -19.32 53.21 -37.53
C GLY C 54 -18.00 53.93 -37.33
N LEU C 55 -17.38 53.75 -36.16
CA LEU C 55 -16.11 54.36 -35.85
C LEU C 55 -15.05 53.26 -35.74
N SER C 56 -13.85 53.53 -36.24
CA SER C 56 -12.75 52.57 -36.24
C SER C 56 -12.16 52.32 -34.84
N ILE C 57 -11.37 51.26 -34.73
CA ILE C 57 -10.60 51.01 -33.51
C ILE C 57 -9.78 52.22 -33.14
N SER C 58 -9.09 52.77 -34.14
CA SER C 58 -8.25 53.93 -33.94
C SER C 58 -9.04 55.14 -33.40
N LYS C 59 -10.19 55.42 -34.00
CA LYS C 59 -11.03 56.55 -33.51
C LYS C 59 -11.43 56.41 -32.05
N LEU C 60 -11.69 55.17 -31.61
CA LEU C 60 -12.11 54.91 -30.25
C LEU C 60 -10.95 55.21 -29.33
N ALA C 61 -9.76 54.73 -29.70
CA ALA C 61 -8.53 55.04 -28.95
C ALA C 61 -8.30 56.55 -28.82
N GLU C 62 -8.69 57.33 -29.85
CA GLU C 62 -8.44 58.78 -29.89
C GLU C 62 -9.44 59.59 -29.06
N THR C 63 -10.63 59.06 -28.86
CA THR C 63 -11.75 59.85 -28.32
C THR C 63 -12.38 59.34 -27.02
N CYS C 64 -12.33 58.04 -26.76
CA CYS C 64 -12.97 57.49 -25.56
C CYS C 64 -12.14 57.64 -24.28
N ASP C 65 -12.83 57.74 -23.14
CA ASP C 65 -12.15 57.82 -21.84
C ASP C 65 -11.68 56.42 -21.42
N VAL C 66 -12.52 55.41 -21.69
CA VAL C 66 -12.20 54.02 -21.41
C VAL C 66 -12.58 53.18 -22.63
N VAL C 67 -11.70 52.29 -23.05
CA VAL C 67 -12.03 51.34 -24.10
C VAL C 67 -11.93 49.94 -23.56
N PHE C 68 -13.05 49.21 -23.60
CA PHE C 68 -13.03 47.78 -23.27
C PHE C 68 -12.80 46.95 -24.53
N THR C 69 -12.09 45.82 -24.37
CA THR C 69 -12.02 44.79 -25.42
C THR C 69 -12.60 43.47 -24.93
N SER C 70 -13.28 42.76 -25.82
CA SER C 70 -13.82 41.45 -25.50
C SER C 70 -13.68 40.62 -26.76
N LEU C 71 -12.56 39.90 -26.85
CA LEU C 71 -12.10 39.30 -28.08
C LEU C 71 -11.82 37.81 -27.87
N PRO C 72 -11.99 37.01 -28.94
CA PRO C 72 -12.11 35.55 -28.80
C PRO C 72 -10.79 34.79 -28.65
N SER C 73 -9.68 35.46 -28.95
CA SER C 73 -8.38 34.79 -28.98
C SER C 73 -7.23 35.74 -28.74
N PRO C 74 -6.08 35.19 -28.35
CA PRO C 74 -4.93 36.08 -28.24
C PRO C 74 -4.57 36.79 -29.56
N ARG C 75 -4.71 36.09 -30.69
CA ARG C 75 -4.44 36.66 -32.01
C ARG C 75 -5.33 37.87 -32.27
N ALA C 76 -6.59 37.80 -31.88
CA ALA C 76 -7.50 38.94 -32.04
C ALA C 76 -7.06 40.10 -31.14
N VAL C 77 -6.79 39.80 -29.87
CA VAL C 77 -6.34 40.82 -28.92
C VAL C 77 -5.14 41.56 -29.49
N GLU C 78 -4.17 40.80 -29.95
CA GLU C 78 -3.00 41.35 -30.58
C GLU C 78 -3.32 42.20 -31.81
N ALA C 79 -4.18 41.69 -32.71
CA ALA C 79 -4.55 42.43 -33.92
C ALA C 79 -5.15 43.77 -33.54
N VAL C 80 -5.90 43.81 -32.45
CA VAL C 80 -6.59 45.07 -32.04
C VAL C 80 -5.67 46.06 -31.29
N TYR C 81 -4.81 45.55 -30.41
CA TYR C 81 -3.95 46.41 -29.57
C TYR C 81 -2.68 46.91 -30.26
N PHE C 82 -2.08 46.09 -31.14
CA PHE C 82 -0.83 46.44 -31.79
C PHE C 82 -1.06 46.83 -33.24
N GLY C 83 -0.01 47.38 -33.87
CA GLY C 83 -0.07 47.79 -35.28
C GLY C 83 -0.59 49.19 -35.47
N ALA C 84 -0.26 49.79 -36.62
CA ALA C 84 -0.44 51.22 -36.84
C ALA C 84 -1.88 51.75 -36.66
N GLU C 85 -2.88 50.90 -36.91
CA GLU C 85 -4.26 51.29 -36.64
C GLU C 85 -4.83 50.61 -35.41
N GLY C 86 -3.97 50.21 -34.49
CA GLY C 86 -4.41 49.56 -33.28
C GLY C 86 -4.56 50.51 -32.10
N LEU C 87 -4.88 49.97 -30.93
CA LEU C 87 -5.25 50.79 -29.79
C LEU C 87 -4.06 51.58 -29.24
N PHE C 88 -2.92 50.92 -29.01
CA PHE C 88 -1.78 51.58 -28.38
C PHE C 88 -1.21 52.75 -29.18
N GLU C 89 -1.09 52.57 -30.49
CA GLU C 89 -0.51 53.55 -31.36
C GLU C 89 -1.35 54.80 -31.54
N ASN C 90 -2.64 54.70 -31.24
CA ASN C 90 -3.60 55.77 -31.50
C ASN C 90 -4.30 56.29 -30.23
N GLY C 91 -3.96 55.74 -29.07
CA GLY C 91 -4.55 56.15 -27.81
C GLY C 91 -4.16 57.55 -27.38
N HIS C 92 -5.16 58.38 -27.12
CA HIS C 92 -4.87 59.72 -26.60
C HIS C 92 -4.22 59.61 -25.22
N SER C 93 -3.63 60.71 -24.80
CA SER C 93 -2.77 60.77 -23.62
C SER C 93 -3.39 60.24 -22.31
N ASN C 94 -4.70 60.42 -22.12
CA ASN C 94 -5.36 60.00 -20.86
C ASN C 94 -6.26 58.77 -20.95
N VAL C 95 -6.18 58.05 -22.06
CA VAL C 95 -7.04 56.90 -22.30
C VAL C 95 -6.75 55.72 -21.36
N VAL C 96 -7.79 54.99 -20.99
CA VAL C 96 -7.66 53.73 -20.29
C VAL C 96 -8.21 52.59 -21.17
N PHE C 97 -7.38 51.56 -21.36
CA PHE C 97 -7.81 50.33 -22.02
C PHE C 97 -7.97 49.20 -20.99
N ILE C 98 -9.06 48.47 -21.08
CA ILE C 98 -9.26 47.33 -20.20
C ILE C 98 -9.58 46.12 -21.06
N ASP C 99 -8.72 45.12 -21.05
CA ASP C 99 -8.98 43.90 -21.83
C ASP C 99 -9.74 42.92 -20.98
N THR C 100 -10.92 42.50 -21.42
CA THR C 100 -11.71 41.51 -20.67
C THR C 100 -11.53 40.12 -21.24
N SER C 101 -10.67 39.98 -22.24
CA SER C 101 -10.45 38.69 -22.89
C SER C 101 -9.60 37.81 -21.97
N THR C 102 -9.66 36.51 -22.17
CA THR C 102 -8.74 35.60 -21.47
C THR C 102 -7.61 35.30 -22.44
N VAL C 103 -6.40 35.76 -22.11
CA VAL C 103 -5.20 35.45 -22.89
C VAL C 103 -4.12 34.97 -21.93
N SER C 104 -2.92 34.68 -22.43
CA SER C 104 -1.83 34.20 -21.57
C SER C 104 -1.27 35.35 -20.70
N PRO C 105 -0.72 34.99 -19.53
CA PRO C 105 -0.01 35.96 -18.74
C PRO C 105 1.08 36.70 -19.50
N GLN C 106 1.78 36.01 -20.39
CA GLN C 106 2.81 36.64 -21.22
C GLN C 106 2.24 37.78 -22.04
N LEU C 107 1.14 37.51 -22.75
CA LEU C 107 0.47 38.54 -23.53
C LEU C 107 -0.01 39.73 -22.67
N ASN C 108 -0.62 39.45 -21.52
CA ASN C 108 -0.92 40.50 -20.52
C ASN C 108 0.30 41.44 -20.33
N LYS C 109 1.47 40.84 -20.07
CA LYS C 109 2.72 41.58 -19.90
C LYS C 109 3.14 42.38 -21.14
N GLN C 110 3.02 41.78 -22.31
CA GLN C 110 3.32 42.46 -23.56
C GLN C 110 2.38 43.65 -23.73
N LEU C 111 1.10 43.44 -23.46
CA LEU C 111 0.14 44.53 -23.57
C LEU C 111 0.48 45.65 -22.58
N GLU C 112 0.90 45.32 -21.35
CA GLU C 112 1.20 46.39 -20.38
C GLU C 112 2.49 47.13 -20.73
N GLU C 113 3.51 46.41 -21.16
CA GLU C 113 4.79 47.03 -21.57
C GLU C 113 4.56 48.11 -22.65
N ALA C 114 3.86 47.73 -23.70
CA ALA C 114 3.44 48.63 -24.78
C ALA C 114 2.66 49.84 -24.26
N ALA C 115 1.76 49.59 -23.32
CA ALA C 115 1.01 50.65 -22.68
C ALA C 115 1.94 51.65 -22.01
N LYS C 116 2.87 51.15 -21.23
CA LYS C 116 3.74 52.00 -20.42
C LYS C 116 4.65 52.86 -21.28
N GLU C 117 5.13 52.29 -22.38
CA GLU C 117 5.90 53.00 -23.36
C GLU C 117 5.13 54.16 -23.94
N LYS C 118 3.86 53.92 -24.25
CA LYS C 118 2.97 54.94 -24.80
C LYS C 118 2.38 55.88 -23.74
N LYS C 119 2.66 55.58 -22.48
CA LYS C 119 2.13 56.31 -21.34
C LYS C 119 0.60 56.36 -21.37
N VAL C 120 -0.01 55.23 -21.69
CA VAL C 120 -1.45 55.08 -21.58
C VAL C 120 -1.70 53.96 -20.61
N ASP C 121 -2.88 53.95 -19.99
CA ASP C 121 -3.17 52.98 -18.94
C ASP C 121 -3.81 51.72 -19.51
N PHE C 122 -3.52 50.59 -18.87
CA PHE C 122 -4.01 49.31 -19.30
C PHE C 122 -4.21 48.40 -18.09
N LEU C 123 -5.38 47.76 -18.03
CA LEU C 123 -5.70 46.72 -17.06
C LEU C 123 -6.11 45.46 -17.83
N ALA C 124 -5.63 44.31 -17.33
CA ALA C 124 -6.06 43.00 -17.77
C ALA C 124 -7.14 42.54 -16.81
N ALA C 125 -8.40 42.59 -17.28
CA ALA C 125 -9.58 42.28 -16.43
C ALA C 125 -10.39 41.12 -17.01
N PRO C 126 -9.79 39.93 -17.05
CA PRO C 126 -10.59 38.83 -17.62
C PRO C 126 -11.85 38.56 -16.78
N VAL C 127 -12.95 38.34 -17.47
CA VAL C 127 -14.25 38.11 -16.86
C VAL C 127 -14.61 36.63 -16.89
N SER C 128 -15.41 36.23 -15.91
CA SER C 128 -16.00 34.89 -15.87
C SER C 128 -17.49 34.97 -15.54
N GLY C 129 -18.27 33.97 -15.94
CA GLY C 129 -19.70 33.93 -15.60
C GLY C 129 -20.66 33.57 -16.72
N GLY C 130 -20.24 33.75 -17.97
CA GLY C 130 -21.04 33.32 -19.13
C GLY C 130 -21.96 34.37 -19.74
N VAL C 131 -22.63 33.98 -20.81
CA VAL C 131 -23.54 34.88 -21.51
C VAL C 131 -24.67 35.32 -20.57
N ILE C 132 -25.18 34.37 -19.79
CA ILE C 132 -26.22 34.65 -18.82
C ILE C 132 -25.71 35.62 -17.76
N GLY C 133 -24.50 35.39 -17.29
CA GLY C 133 -23.87 36.28 -16.32
C GLY C 133 -23.72 37.68 -16.89
N ALA C 134 -23.28 37.79 -18.14
CA ALA C 134 -23.15 39.08 -18.80
C ALA C 134 -24.50 39.76 -18.85
N GLU C 135 -25.49 39.10 -19.46
CA GLU C 135 -26.86 39.63 -19.55
C GLU C 135 -27.37 40.06 -18.18
N ASN C 136 -27.03 39.29 -17.15
CA ASN C 136 -27.53 39.56 -15.81
C ASN C 136 -26.65 40.45 -14.94
N ARG C 137 -25.48 40.84 -15.43
CA ARG C 137 -24.58 41.71 -14.69
C ARG C 137 -24.00 41.05 -13.44
N THR C 138 -23.83 39.73 -13.49
CA THR C 138 -23.32 38.97 -12.35
C THR C 138 -21.97 38.32 -12.68
N LEU C 139 -21.26 38.89 -13.64
CA LEU C 139 -19.92 38.45 -14.01
C LEU C 139 -18.91 38.72 -12.91
N THR C 140 -17.87 37.91 -12.83
CA THR C 140 -16.73 38.23 -11.96
C THR C 140 -15.62 38.86 -12.82
N PHE C 141 -15.10 40.00 -12.38
CA PHE C 141 -13.94 40.61 -12.99
C PHE C 141 -12.74 40.33 -12.09
N MET C 142 -11.70 39.77 -12.66
CA MET C 142 -10.47 39.57 -11.92
C MET C 142 -9.38 40.39 -12.56
N VAL C 143 -8.98 41.44 -11.87
CA VAL C 143 -8.25 42.55 -12.47
C VAL C 143 -6.84 42.57 -11.95
N GLY C 144 -5.90 42.57 -12.87
CA GLY C 144 -4.52 42.82 -12.59
C GLY C 144 -4.09 44.13 -13.22
N GLY C 145 -3.08 44.76 -12.61
CA GLY C 145 -2.55 46.02 -13.10
C GLY C 145 -2.70 47.15 -12.11
N SER C 146 -2.50 48.37 -12.60
CA SER C 146 -2.38 49.51 -11.73
C SER C 146 -3.58 49.68 -10.79
N LYS C 147 -3.28 49.85 -9.51
CA LYS C 147 -4.29 50.10 -8.50
C LYS C 147 -5.00 51.43 -8.68
N ASP C 148 -4.29 52.47 -9.12
CA ASP C 148 -4.89 53.79 -9.33
C ASP C 148 -5.86 53.73 -10.49
N VAL C 149 -5.46 53.01 -11.53
CA VAL C 149 -6.29 52.83 -12.72
C VAL C 149 -7.51 51.98 -12.39
N TYR C 150 -7.33 50.93 -11.61
CA TYR C 150 -8.45 50.13 -11.19
C TYR C 150 -9.46 50.93 -10.35
N GLU C 151 -8.97 51.79 -9.48
CA GLU C 151 -9.86 52.57 -8.65
C GLU C 151 -10.69 53.54 -9.49
N LYS C 152 -10.13 54.01 -10.60
CA LYS C 152 -10.86 54.96 -11.45
C LYS C 152 -11.87 54.33 -12.38
N THR C 153 -11.80 53.01 -12.57
CA THR C 153 -12.66 52.33 -13.55
C THR C 153 -13.56 51.30 -12.90
N GLU C 154 -13.34 51.07 -11.63
CA GLU C 154 -14.06 50.08 -10.85
C GLU C 154 -15.59 50.26 -10.95
N SER C 155 -16.08 51.49 -10.91
CA SER C 155 -17.53 51.72 -10.91
C SER C 155 -18.16 51.24 -12.22
N ILE C 156 -17.41 51.38 -13.33
CA ILE C 156 -17.90 50.96 -14.65
C ILE C 156 -17.98 49.43 -14.70
N MET C 157 -16.90 48.79 -14.30
CA MET C 157 -16.87 47.33 -14.21
C MET C 157 -17.99 46.83 -13.28
N GLY C 158 -18.21 47.59 -12.20
CA GLY C 158 -19.24 47.29 -11.21
C GLY C 158 -20.67 47.16 -11.72
N VAL C 159 -21.02 47.91 -12.78
CA VAL C 159 -22.36 47.76 -13.40
C VAL C 159 -22.46 46.48 -14.26
N LEU C 160 -21.33 45.88 -14.63
CA LEU C 160 -21.31 44.71 -15.50
C LEU C 160 -21.13 43.39 -14.74
N GLY C 161 -20.74 43.49 -13.48
CA GLY C 161 -20.49 42.31 -12.64
C GLY C 161 -20.99 42.40 -11.21
N ALA C 162 -20.96 41.25 -10.55
CA ALA C 162 -21.31 41.18 -9.16
C ALA C 162 -20.04 41.26 -8.30
N ASN C 163 -19.01 40.53 -8.68
CA ASN C 163 -17.75 40.56 -7.93
C ASN C 163 -16.60 41.09 -8.76
N ILE C 164 -16.07 42.22 -8.33
CA ILE C 164 -14.94 42.83 -9.02
C ILE C 164 -13.77 42.77 -8.06
N PHE C 165 -12.71 42.06 -8.44
CA PHE C 165 -11.52 41.89 -7.59
C PHE C 165 -10.28 42.50 -8.23
N HIS C 166 -9.51 43.25 -7.45
CA HIS C 166 -8.17 43.64 -7.83
C HIS C 166 -7.22 42.70 -7.12
N VAL C 167 -6.54 41.85 -7.89
CA VAL C 167 -5.65 40.86 -7.34
C VAL C 167 -4.35 41.53 -6.89
N SER C 168 -3.60 42.06 -7.84
CA SER C 168 -2.38 42.77 -7.54
C SER C 168 -2.01 43.68 -8.69
N GLU C 169 -0.97 44.46 -8.47
CA GLU C 169 -0.46 45.33 -9.50
C GLU C 169 0.27 44.60 -10.62
N GLN C 170 0.55 43.32 -10.43
CA GLN C 170 1.06 42.50 -11.50
C GLN C 170 -0.04 42.38 -12.52
N ILE C 171 0.25 42.73 -13.78
CA ILE C 171 -0.78 42.80 -14.83
C ILE C 171 -1.46 41.44 -15.08
N ASP C 172 -0.70 40.37 -14.85
CA ASP C 172 -1.17 39.02 -15.07
C ASP C 172 -1.83 38.36 -13.85
N SER C 173 -2.04 39.12 -12.77
CA SER C 173 -2.55 38.57 -11.52
C SER C 173 -4.01 38.09 -11.63
N GLY C 174 -4.80 38.80 -12.42
CA GLY C 174 -6.21 38.45 -12.62
C GLY C 174 -6.39 37.21 -13.46
N THR C 175 -5.70 37.19 -14.59
CA THR C 175 -5.64 36.01 -15.43
C THR C 175 -5.23 34.78 -14.62
N THR C 176 -4.18 34.93 -13.83
CA THR C 176 -3.64 33.78 -13.09
C THR C 176 -4.66 33.23 -12.09
N VAL C 177 -5.24 34.10 -11.28
CA VAL C 177 -6.27 33.65 -10.36
C VAL C 177 -7.45 33.01 -11.12
N LYS C 178 -7.78 33.53 -12.30
CA LYS C 178 -8.86 32.96 -13.07
C LYS C 178 -8.52 31.54 -13.53
N LEU C 179 -7.30 31.38 -14.04
CA LEU C 179 -6.87 30.07 -14.54
C LEU C 179 -6.78 29.07 -13.42
N ILE C 180 -6.39 29.53 -12.23
CA ILE C 180 -6.29 28.69 -11.04
CA ILE C 180 -6.30 28.67 -11.09
C ILE C 180 -7.68 28.32 -10.54
N ASN C 181 -8.58 29.29 -10.45
CA ASN C 181 -9.99 29.01 -10.18
C ASN C 181 -10.49 27.92 -11.14
N ASN C 182 -10.23 28.11 -12.42
CA ASN C 182 -10.74 27.19 -13.45
C ASN C 182 -10.11 25.80 -13.38
N LEU C 183 -8.84 25.76 -13.03
CA LEU C 183 -8.13 24.49 -12.83
C LEU C 183 -8.77 23.68 -11.70
N LEU C 184 -9.01 24.33 -10.56
CA LEU C 184 -9.71 23.69 -9.45
C LEU C 184 -11.06 23.19 -9.91
N ILE C 185 -11.79 24.02 -10.64
CA ILE C 185 -13.05 23.59 -11.19
C ILE C 185 -12.90 22.28 -11.96
N GLY C 186 -11.86 22.20 -12.76
CA GLY C 186 -11.60 21.02 -13.54
C GLY C 186 -11.44 19.79 -12.67
N PHE C 187 -10.69 19.95 -11.58
CA PHE C 187 -10.51 18.89 -10.60
C PHE C 187 -11.80 18.50 -9.94
N TYR C 188 -12.58 19.51 -9.53
CA TYR C 188 -13.82 19.30 -8.78
C TYR C 188 -14.89 18.62 -9.62
N THR C 189 -15.08 19.09 -10.84
CA THR C 189 -16.03 18.48 -11.76
C THR C 189 -15.62 17.06 -12.15
N ALA C 190 -14.32 16.83 -12.30
CA ALA C 190 -13.82 15.46 -12.52
C ALA C 190 -14.14 14.58 -11.31
N GLY C 191 -13.86 15.10 -10.11
CA GLY C 191 -14.12 14.34 -8.89
C GLY C 191 -15.58 13.99 -8.71
N VAL C 192 -16.43 15.00 -8.84
CA VAL C 192 -17.84 14.84 -8.70
C VAL C 192 -18.34 13.84 -9.74
N SER C 193 -17.86 13.99 -10.98
CA SER C 193 -18.33 13.13 -12.05
C SER C 193 -18.02 11.66 -11.81
N GLU C 194 -16.78 11.35 -11.37
CA GLU C 194 -16.39 9.96 -11.14
C GLU C 194 -16.96 9.37 -9.84
N ALA C 195 -16.89 10.14 -8.76
CA ALA C 195 -17.46 9.70 -7.49
C ALA C 195 -18.94 9.36 -7.64
N LEU C 196 -19.71 10.26 -8.25
CA LEU C 196 -21.13 10.03 -8.41
C LEU C 196 -21.44 8.82 -9.32
N THR C 197 -20.61 8.60 -10.35
CA THR C 197 -20.80 7.40 -11.20
C THR C 197 -20.59 6.13 -10.36
N LEU C 198 -19.58 6.16 -9.49
CA LEU C 198 -19.31 5.04 -8.60
C LEU C 198 -20.48 4.86 -7.64
N ALA C 199 -20.96 5.95 -7.06
CA ALA C 199 -22.09 5.89 -6.13
C ALA C 199 -23.33 5.39 -6.83
N LYS C 200 -23.68 6.00 -7.96
CA LYS C 200 -24.89 5.65 -8.69
C LYS C 200 -24.96 4.16 -9.02
N LYS C 201 -23.85 3.62 -9.50
CA LYS C 201 -23.85 2.23 -9.88
C LYS C 201 -24.06 1.34 -8.65
N ASN C 202 -23.55 1.76 -7.51
CA ASN C 202 -23.79 1.00 -6.27
C ASN C 202 -25.08 1.38 -5.50
N ASN C 203 -26.04 1.94 -6.24
CA ASN C 203 -27.38 2.25 -5.77
C ASN C 203 -27.47 3.24 -4.64
N MET C 204 -26.65 4.27 -4.64
CA MET C 204 -26.73 5.23 -3.55
C MET C 204 -27.88 6.24 -3.70
N ASP C 205 -28.33 6.75 -2.56
CA ASP C 205 -29.26 7.88 -2.50
C ASP C 205 -28.45 9.18 -2.58
N LEU C 206 -28.40 9.74 -3.78
CA LEU C 206 -27.56 10.91 -4.08
C LEU C 206 -27.96 12.14 -3.27
N ASP C 207 -29.27 12.32 -3.04
CA ASP C 207 -29.74 13.43 -2.24
C ASP C 207 -29.16 13.30 -0.83
N LYS C 208 -29.45 12.17 -0.20
CA LYS C 208 -28.93 11.92 1.13
C LYS C 208 -27.40 11.86 1.11
N MET C 209 -26.78 11.35 0.06
CA MET C 209 -25.33 11.48 0.02
C MET C 209 -24.88 12.94 0.06
N PHE C 210 -25.50 13.79 -0.77
CA PHE C 210 -25.10 15.18 -0.83
C PHE C 210 -25.22 15.83 0.53
N ASP C 211 -26.34 15.61 1.23
CA ASP C 211 -26.56 16.25 2.53
C ASP C 211 -25.49 15.88 3.52
N ILE C 212 -25.02 14.64 3.46
CA ILE C 212 -23.94 14.17 4.31
C ILE C 212 -22.61 14.76 3.80
N LEU C 213 -22.31 14.55 2.53
CA LEU C 213 -21.07 15.05 1.96
C LEU C 213 -20.96 16.58 1.98
N ASN C 214 -22.07 17.30 1.84
CA ASN C 214 -22.03 18.77 1.91
C ASN C 214 -21.69 19.34 3.28
N VAL C 215 -21.82 18.56 4.35
CA VAL C 215 -21.32 19.01 5.63
C VAL C 215 -20.04 18.26 6.03
N SER C 216 -19.48 17.50 5.08
CA SER C 216 -18.21 16.80 5.29
C SER C 216 -17.07 17.42 4.48
N TYR C 217 -15.95 16.71 4.42
CA TYR C 217 -14.83 17.15 3.60
C TYR C 217 -15.03 16.80 2.13
N GLY C 218 -16.08 16.07 1.80
CA GLY C 218 -16.49 15.95 0.41
C GLY C 218 -17.14 17.23 -0.18
N GLN C 219 -17.20 18.31 0.59
CA GLN C 219 -17.97 19.50 0.21
C GLN C 219 -17.24 20.41 -0.76
N SER C 220 -17.92 20.82 -1.82
CA SER C 220 -17.52 21.96 -2.62
C SER C 220 -18.72 22.63 -3.30
N ARG C 221 -18.58 23.92 -3.61
CA ARG C 221 -19.59 24.61 -4.42
C ARG C 221 -19.85 23.93 -5.76
N ILE C 222 -18.80 23.44 -6.40
CA ILE C 222 -18.98 22.72 -7.66
C ILE C 222 -19.83 21.45 -7.49
N TYR C 223 -19.60 20.70 -6.42
CA TYR C 223 -20.44 19.56 -6.12
C TYR C 223 -21.89 20.07 -5.98
N GLU C 224 -22.11 21.01 -5.07
CA GLU C 224 -23.42 21.65 -4.89
C GLU C 224 -24.03 22.10 -6.21
N ARG C 225 -23.31 22.95 -6.94
CA ARG C 225 -23.71 23.39 -8.29
C ARG C 225 -24.04 22.27 -9.26
N ASN C 226 -23.07 21.42 -9.57
CA ASN C 226 -23.27 20.38 -10.57
C ASN C 226 -24.36 19.37 -10.23
N TYR C 227 -24.38 18.93 -8.97
CA TYR C 227 -25.35 17.89 -8.57
C TYR C 227 -26.79 18.43 -8.63
N LYS C 228 -27.05 19.50 -7.90
CA LYS C 228 -28.40 20.04 -7.79
C LYS C 228 -28.91 20.61 -9.09
N SER C 229 -28.15 21.54 -9.67
CA SER C 229 -28.63 22.29 -10.82
C SER C 229 -28.49 21.61 -12.16
N PHE C 230 -27.80 20.48 -12.22
CA PHE C 230 -27.60 19.86 -13.51
C PHE C 230 -27.86 18.38 -13.45
N ILE C 231 -27.20 17.72 -12.49
CA ILE C 231 -27.31 16.29 -12.40
C ILE C 231 -28.69 15.83 -11.98
N ALA C 232 -29.15 16.30 -10.83
CA ALA C 232 -30.43 15.88 -10.30
C ALA C 232 -31.59 16.17 -11.31
N PRO C 233 -31.71 17.42 -11.78
CA PRO C 233 -32.76 17.71 -12.75
C PRO C 233 -32.50 17.19 -14.16
N GLU C 234 -31.37 16.54 -14.41
CA GLU C 234 -31.10 15.91 -15.71
C GLU C 234 -31.14 16.96 -16.83
N ASN C 235 -30.57 18.13 -16.56
CA ASN C 235 -30.51 19.22 -17.53
C ASN C 235 -29.06 19.60 -17.75
N TYR C 236 -28.55 19.34 -18.95
CA TYR C 236 -27.15 19.57 -19.25
C TYR C 236 -26.94 20.77 -20.17
N GLU C 237 -27.83 21.75 -20.01
CA GLU C 237 -27.73 23.05 -20.67
C GLU C 237 -26.72 23.93 -19.99
N PRO C 238 -25.79 24.51 -20.76
CA PRO C 238 -24.83 25.46 -20.22
C PRO C 238 -25.60 26.66 -19.76
N GLY C 239 -25.21 27.37 -18.71
CA GLY C 239 -24.13 26.99 -17.81
C GLY C 239 -22.74 27.40 -18.22
N PHE C 240 -21.80 26.48 -18.05
CA PHE C 240 -20.40 26.69 -18.39
C PHE C 240 -19.97 25.44 -19.11
N THR C 241 -19.66 25.59 -20.40
CA THR C 241 -19.49 24.44 -21.25
C THR C 241 -18.15 23.72 -21.02
N VAL C 242 -18.14 22.44 -21.35
CA VAL C 242 -16.97 21.60 -21.40
C VAL C 242 -15.88 22.23 -22.27
N ASN C 243 -16.28 22.82 -23.40
CA ASN C 243 -15.34 23.43 -24.33
C ASN C 243 -14.69 24.66 -23.74
N LEU C 244 -15.43 25.50 -23.04
CA LEU C 244 -14.80 26.65 -22.43
C LEU C 244 -13.92 26.25 -21.24
N LEU C 245 -14.35 25.28 -20.45
CA LEU C 245 -13.59 24.80 -19.30
C LEU C 245 -12.24 24.32 -19.78
N LYS C 246 -12.30 23.50 -20.81
CA LYS C 246 -11.11 22.92 -21.40
C LYS C 246 -10.18 23.97 -21.99
N LYS C 247 -10.76 25.03 -22.53
CA LYS C 247 -9.94 26.08 -23.07
C LYS C 247 -9.14 26.77 -21.97
N ASP C 248 -9.75 27.07 -20.84
CA ASP C 248 -8.99 27.63 -19.73
C ASP C 248 -8.02 26.63 -19.15
N LEU C 249 -8.37 25.37 -19.15
CA LEU C 249 -7.42 24.37 -18.69
C LEU C 249 -6.18 24.40 -19.59
N GLY C 250 -6.37 24.63 -20.89
CA GLY C 250 -5.25 24.73 -21.83
C GLY C 250 -4.28 25.84 -21.48
N PHE C 251 -4.83 27.01 -21.16
CA PHE C 251 -4.03 28.15 -20.76
C PHE C 251 -3.26 27.85 -19.48
N ALA C 252 -3.90 27.14 -18.55
CA ALA C 252 -3.27 26.77 -17.29
C ALA C 252 -2.14 25.81 -17.55
N VAL C 253 -2.39 24.76 -18.33
CA VAL C 253 -1.33 23.82 -18.68
C VAL C 253 -0.20 24.47 -19.48
N ASP C 254 -0.54 25.36 -20.42
CA ASP C 254 0.48 26.16 -21.10
C ASP C 254 1.35 26.93 -20.12
N LEU C 255 0.73 27.65 -19.18
CA LEU C 255 1.49 28.38 -18.16
C LEU C 255 2.36 27.43 -17.28
N ALA C 256 1.85 26.26 -16.94
CA ALA C 256 2.64 25.29 -16.17
C ALA C 256 3.90 24.91 -16.91
N LYS C 257 3.72 24.46 -18.14
CA LYS C 257 4.80 24.04 -19.02
C LYS C 257 5.81 25.13 -19.27
N GLU C 258 5.33 26.32 -19.58
CA GLU C 258 6.23 27.45 -19.76
C GLU C 258 6.95 27.80 -18.45
N SER C 259 6.30 27.52 -17.31
CA SER C 259 6.92 27.72 -16.01
C SER C 259 7.82 26.55 -15.63
N GLU C 260 8.10 25.63 -16.56
CA GLU C 260 8.87 24.41 -16.30
C GLU C 260 8.31 23.54 -15.18
N LEU C 261 6.98 23.46 -15.09
CA LEU C 261 6.33 22.63 -14.09
C LEU C 261 5.67 21.44 -14.74
N HIS C 262 5.80 20.29 -14.10
CA HIS C 262 5.05 19.12 -14.49
C HIS C 262 3.90 18.86 -13.50
N LEU C 263 2.69 19.04 -13.98
CA LEU C 263 1.49 18.95 -13.18
C LEU C 263 0.64 17.86 -13.82
N PRO C 264 0.94 16.61 -13.50
CA PRO C 264 0.44 15.48 -14.25
C PRO C 264 -1.06 15.29 -14.15
N VAL C 265 -1.70 15.55 -13.03
CA VAL C 265 -3.13 15.40 -13.00
C VAL C 265 -3.82 16.48 -13.84
N SER C 266 -3.30 17.69 -13.76
CA SER C 266 -3.80 18.79 -14.55
C SER C 266 -3.70 18.45 -16.03
N GLU C 267 -2.57 17.88 -16.45
CA GLU C 267 -2.40 17.48 -17.85
C GLU C 267 -3.38 16.38 -18.23
N MET C 268 -3.63 15.44 -17.32
CA MET C 268 -4.59 14.41 -17.64
C MET C 268 -6.00 14.99 -17.78
N LEU C 269 -6.32 15.97 -16.95
CA LEU C 269 -7.66 16.57 -16.98
C LEU C 269 -7.91 17.26 -18.30
N LEU C 270 -6.92 17.98 -18.81
CA LEU C 270 -7.01 18.57 -20.16
C LEU C 270 -7.40 17.52 -21.20
N ASN C 271 -6.79 16.34 -21.12
CA ASN C 271 -7.19 15.19 -21.93
C ASN C 271 -8.64 14.76 -21.70
N VAL C 272 -9.01 14.56 -20.44
CA VAL C 272 -10.36 14.12 -20.09
C VAL C 272 -11.47 15.01 -20.70
N TYR C 273 -11.36 16.32 -20.53
CA TYR C 273 -12.36 17.25 -21.09
C TYR C 273 -12.31 17.33 -22.62
N ASP C 274 -11.13 17.29 -23.20
CA ASP C 274 -10.98 17.20 -24.65
C ASP C 274 -11.64 15.93 -25.23
N GLU C 275 -11.61 14.81 -24.50
CA GLU C 275 -12.26 13.58 -24.92
C GLU C 275 -13.75 13.69 -24.74
N ALA C 276 -14.17 14.37 -23.67
CA ALA C 276 -15.57 14.65 -23.45
C ALA C 276 -16.12 15.44 -24.65
N SER C 277 -15.41 16.51 -25.01
CA SER C 277 -15.73 17.33 -26.18
C SER C 277 -15.74 16.50 -27.45
N GLN C 278 -14.66 15.77 -27.71
CA GLN C 278 -14.56 14.96 -28.92
C GLN C 278 -15.67 13.92 -29.04
N ALA C 279 -16.29 13.58 -27.91
CA ALA C 279 -17.38 12.62 -27.92
C ALA C 279 -18.78 13.25 -27.83
N GLY C 280 -18.91 14.54 -28.15
CA GLY C 280 -20.20 15.20 -28.23
C GLY C 280 -20.57 16.19 -27.15
N TYR C 281 -19.89 16.17 -26.00
CA TYR C 281 -20.37 16.94 -24.85
C TYR C 281 -19.82 18.37 -24.79
N GLY C 282 -19.17 18.83 -25.85
CA GLY C 282 -18.45 20.08 -25.80
C GLY C 282 -19.30 21.30 -25.50
N GLU C 283 -20.53 21.33 -26.06
CA GLU C 283 -21.46 22.45 -25.83
C GLU C 283 -22.44 22.15 -24.70
N ASN C 284 -22.28 21.03 -24.01
CA ASN C 284 -23.04 20.83 -22.79
C ASN C 284 -22.34 21.49 -21.61
N ASP C 285 -23.06 21.65 -20.52
CA ASP C 285 -22.44 22.05 -19.26
C ASP C 285 -21.37 21.08 -18.83
N MET C 286 -20.32 21.63 -18.25
CA MET C 286 -19.24 20.82 -17.71
C MET C 286 -19.72 19.70 -16.80
N ALA C 287 -20.86 19.91 -16.11
CA ALA C 287 -21.40 18.88 -15.23
C ALA C 287 -21.77 17.59 -16.01
N ALA C 288 -21.88 17.72 -17.35
CA ALA C 288 -22.15 16.60 -18.27
C ALA C 288 -21.03 15.57 -18.32
N LEU C 289 -19.89 15.92 -17.75
CA LEU C 289 -18.86 14.92 -17.55
C LEU C 289 -19.43 13.70 -16.82
N TYR C 290 -20.35 13.91 -15.90
CA TYR C 290 -21.02 12.81 -15.22
C TYR C 290 -21.66 11.85 -16.21
N LYS C 291 -22.36 12.41 -17.19
CA LYS C 291 -23.05 11.62 -18.19
C LYS C 291 -22.05 10.84 -19.03
N LYS C 292 -20.93 11.45 -19.37
CA LYS C 292 -19.93 10.74 -20.15
C LYS C 292 -19.24 9.61 -19.38
N VAL C 293 -18.84 9.87 -18.15
CA VAL C 293 -18.26 8.83 -17.30
C VAL C 293 -19.25 7.65 -17.15
N SER C 294 -20.55 7.96 -17.16
CA SER C 294 -21.58 6.94 -17.08
C SER C 294 -21.91 6.24 -18.40
N GLU C 295 -21.55 6.84 -19.53
CA GLU C 295 -21.78 6.20 -20.80
C GLU C 295 -21.39 4.72 -20.74
N GLN C 296 -20.34 4.40 -19.99
CA GLN C 296 -19.84 3.02 -19.88
C GLN C 296 -20.90 2.03 -19.43
N MET D 7 -29.67 -0.05 26.93
CA MET D 7 -28.75 -1.11 26.46
C MET D 7 -27.46 -1.01 27.31
N LYS D 8 -27.37 -1.81 28.37
CA LYS D 8 -26.33 -1.63 29.42
C LYS D 8 -25.00 -2.35 29.16
N LYS D 9 -25.09 -3.55 28.61
CA LYS D 9 -23.91 -4.42 28.49
C LYS D 9 -23.36 -4.40 27.10
N ILE D 10 -22.18 -3.84 26.96
CA ILE D 10 -21.60 -3.64 25.66
C ILE D 10 -20.32 -4.44 25.47
N GLY D 11 -20.30 -5.24 24.42
CA GLY D 11 -19.09 -5.91 23.97
C GLY D 11 -18.32 -5.06 23.00
N PHE D 12 -17.00 -5.09 23.10
CA PHE D 12 -16.13 -4.35 22.22
C PHE D 12 -14.95 -5.21 21.83
N ILE D 13 -14.95 -5.62 20.57
CA ILE D 13 -13.92 -6.47 20.03
C ILE D 13 -12.99 -5.67 19.14
N GLY D 14 -11.73 -5.60 19.53
CA GLY D 14 -10.77 -4.77 18.82
C GLY D 14 -10.47 -3.48 19.56
N LEU D 15 -9.46 -3.54 20.40
CA LEU D 15 -9.06 -2.42 21.23
C LEU D 15 -7.79 -1.81 20.66
N GLY D 16 -7.79 -1.57 19.35
CA GLY D 16 -6.66 -0.98 18.66
C GLY D 16 -6.64 0.55 18.72
N ASN D 17 -6.05 1.17 17.70
CA ASN D 17 -5.90 2.62 17.59
C ASN D 17 -7.20 3.39 17.89
N MET D 18 -8.26 2.95 17.23
CA MET D 18 -9.57 3.52 17.38
C MET D 18 -10.30 2.83 18.53
N GLY D 19 -10.29 1.50 18.52
CA GLY D 19 -11.00 0.72 19.52
C GLY D 19 -10.73 1.00 21.00
N LEU D 20 -9.46 1.16 21.38
CA LEU D 20 -9.11 1.37 22.77
C LEU D 20 -9.75 2.64 23.33
N PRO D 21 -9.64 3.79 22.62
CA PRO D 21 -10.28 4.99 23.16
C PRO D 21 -11.80 4.93 23.09
N MET D 22 -12.35 4.31 22.04
CA MET D 22 -13.80 4.18 21.93
C MET D 22 -14.34 3.36 23.07
N SER D 23 -13.75 2.18 23.28
CA SER D 23 -14.19 1.30 24.35
C SER D 23 -14.09 1.97 25.72
N LYS D 24 -13.03 2.72 25.93
CA LYS D 24 -12.81 3.36 27.20
C LYS D 24 -13.83 4.46 27.42
N ASN D 25 -14.23 5.11 26.33
CA ASN D 25 -15.20 6.18 26.42
C ASN D 25 -16.52 5.60 26.91
N LEU D 26 -16.84 4.41 26.45
CA LEU D 26 -18.04 3.71 26.90
C LEU D 26 -17.98 3.42 28.38
N VAL D 27 -16.84 2.98 28.88
CA VAL D 27 -16.70 2.68 30.29
C VAL D 27 -16.98 3.98 31.07
N LYS D 28 -16.30 5.05 30.65
CA LYS D 28 -16.50 6.37 31.23
C LYS D 28 -17.94 6.94 31.15
N SER D 29 -18.69 6.51 30.15
CA SER D 29 -20.07 6.94 30.02
C SER D 29 -21.02 6.10 30.87
N GLY D 30 -20.49 5.10 31.58
CA GLY D 30 -21.30 4.35 32.52
C GLY D 30 -21.75 2.97 32.07
N TYR D 31 -21.48 2.62 30.82
CA TYR D 31 -21.80 1.30 30.30
C TYR D 31 -20.91 0.23 30.97
N THR D 32 -21.43 -0.99 31.06
CA THR D 32 -20.63 -2.13 31.50
C THR D 32 -20.02 -2.74 30.25
N VAL D 33 -18.73 -2.52 30.05
CA VAL D 33 -18.09 -2.88 28.78
C VAL D 33 -17.17 -4.08 28.92
N TYR D 34 -17.39 -5.07 28.04
CA TYR D 34 -16.62 -6.29 27.95
C TYR D 34 -15.79 -6.25 26.69
N GLY D 35 -14.47 -6.26 26.83
CA GLY D 35 -13.58 -6.01 25.72
C GLY D 35 -12.74 -7.19 25.38
N VAL D 36 -12.36 -7.30 24.11
CA VAL D 36 -11.55 -8.39 23.59
C VAL D 36 -10.51 -7.85 22.59
N ASP D 37 -9.25 -8.22 22.79
CA ASP D 37 -8.14 -7.94 21.87
C ASP D 37 -7.01 -8.90 22.12
N LEU D 38 -6.35 -9.29 21.04
CA LEU D 38 -5.11 -10.04 21.12
C LEU D 38 -4.05 -9.31 21.92
N ASN D 39 -4.03 -8.00 21.79
CA ASN D 39 -3.05 -7.16 22.46
C ASN D 39 -3.33 -7.02 23.96
N LYS D 40 -2.58 -7.76 24.76
CA LYS D 40 -2.80 -7.82 26.21
C LYS D 40 -2.52 -6.49 26.92
N GLU D 41 -1.61 -5.70 26.38
CA GLU D 41 -1.38 -4.39 26.92
C GLU D 41 -2.59 -3.48 26.67
N ALA D 42 -3.25 -3.66 25.53
CA ALA D 42 -4.45 -2.91 25.20
C ALA D 42 -5.56 -3.33 26.16
N GLU D 43 -5.69 -4.65 26.38
CA GLU D 43 -6.68 -5.16 27.34
C GLU D 43 -6.44 -4.65 28.75
N ALA D 44 -5.17 -4.57 29.17
CA ALA D 44 -4.84 -4.10 30.53
C ALA D 44 -5.18 -2.61 30.69
N SER D 45 -4.95 -1.83 29.64
CA SER D 45 -5.24 -0.40 29.66
C SER D 45 -6.75 -0.19 29.83
N PHE D 46 -7.52 -0.81 28.96
CA PHE D 46 -8.99 -0.88 29.03
C PHE D 46 -9.53 -1.34 30.39
N GLU D 47 -8.99 -2.43 30.91
CA GLU D 47 -9.41 -2.97 32.20
C GLU D 47 -9.13 -1.99 33.33
N LYS D 48 -8.00 -1.30 33.24
CA LYS D 48 -7.63 -0.35 34.26
C LYS D 48 -8.64 0.78 34.34
N GLU D 49 -9.28 1.09 33.22
CA GLU D 49 -10.28 2.15 33.18
C GLU D 49 -11.62 1.70 33.72
N GLY D 50 -11.84 0.40 33.90
CA GLY D 50 -13.13 -0.11 34.33
C GLY D 50 -13.79 -1.11 33.40
N GLY D 51 -13.12 -1.41 32.29
CA GLY D 51 -13.62 -2.41 31.35
C GLY D 51 -13.41 -3.80 31.89
N ILE D 52 -14.16 -4.76 31.35
CA ILE D 52 -14.08 -6.14 31.79
C ILE D 52 -13.44 -6.98 30.70
N ILE D 53 -12.42 -7.74 31.04
CA ILE D 53 -11.76 -8.62 30.06
C ILE D 53 -11.90 -10.06 30.48
N GLY D 54 -11.46 -10.96 29.61
CA GLY D 54 -11.48 -12.38 29.90
C GLY D 54 -12.60 -13.14 29.25
N LEU D 55 -13.53 -12.44 28.61
CA LEU D 55 -14.67 -13.12 28.00
C LEU D 55 -14.39 -13.41 26.54
N SER D 56 -14.74 -14.58 26.05
CA SER D 56 -14.50 -14.85 24.63
C SER D 56 -15.40 -14.03 23.69
N ILE D 57 -15.04 -14.01 22.42
CA ILE D 57 -15.88 -13.45 21.37
C ILE D 57 -17.27 -14.12 21.41
N SER D 58 -17.29 -15.43 21.53
CA SER D 58 -18.54 -16.18 21.59
C SER D 58 -19.41 -15.76 22.77
N LYS D 59 -18.78 -15.56 23.91
CA LYS D 59 -19.48 -15.15 25.11
C LYS D 59 -20.02 -13.72 25.00
N LEU D 60 -19.24 -12.84 24.40
CA LEU D 60 -19.74 -11.52 24.08
C LEU D 60 -21.08 -11.64 23.31
N ALA D 61 -21.08 -12.46 22.25
CA ALA D 61 -22.25 -12.68 21.42
C ALA D 61 -23.43 -13.18 22.23
N GLU D 62 -23.18 -14.05 23.20
CA GLU D 62 -24.25 -14.64 24.02
C GLU D 62 -24.79 -13.71 25.07
N THR D 63 -23.99 -12.74 25.52
CA THR D 63 -24.33 -11.99 26.73
C THR D 63 -24.71 -10.52 26.53
N CYS D 64 -24.10 -9.88 25.53
CA CYS D 64 -24.19 -8.42 25.40
C CYS D 64 -25.40 -7.96 24.59
N ASP D 65 -25.87 -6.76 24.91
CA ASP D 65 -27.00 -6.16 24.21
C ASP D 65 -26.54 -5.64 22.84
N VAL D 66 -25.36 -5.03 22.80
CA VAL D 66 -24.74 -4.60 21.58
C VAL D 66 -23.27 -5.00 21.62
N VAL D 67 -22.73 -5.46 20.49
CA VAL D 67 -21.31 -5.78 20.41
C VAL D 67 -20.70 -4.99 19.25
N PHE D 68 -19.73 -4.12 19.55
CA PHE D 68 -19.03 -3.35 18.53
C PHE D 68 -17.78 -4.11 18.08
N THR D 69 -17.44 -3.99 16.80
CA THR D 69 -16.17 -4.47 16.28
C THR D 69 -15.40 -3.30 15.67
N SER D 70 -14.11 -3.26 15.98
CA SER D 70 -13.20 -2.33 15.34
C SER D 70 -11.96 -3.15 14.95
N LEU D 71 -11.94 -3.58 13.68
CA LEU D 71 -10.98 -4.56 13.22
C LEU D 71 -10.24 -4.09 11.96
N PRO D 72 -8.97 -4.50 11.82
CA PRO D 72 -8.08 -3.91 10.81
C PRO D 72 -8.27 -4.34 9.33
N SER D 73 -9.04 -5.38 9.03
CA SER D 73 -9.08 -5.91 7.65
C SER D 73 -10.32 -6.73 7.45
N PRO D 74 -10.67 -7.03 6.19
CA PRO D 74 -11.74 -7.99 5.88
C PRO D 74 -11.52 -9.36 6.53
N ARG D 75 -10.30 -9.86 6.50
CA ARG D 75 -10.00 -11.16 7.10
CA ARG D 75 -9.98 -11.16 7.10
C ARG D 75 -10.27 -11.17 8.58
N ALA D 76 -9.90 -10.10 9.27
CA ALA D 76 -10.14 -10.03 10.72
C ALA D 76 -11.63 -9.99 11.01
N VAL D 77 -12.36 -9.20 10.24
CA VAL D 77 -13.79 -9.13 10.37
C VAL D 77 -14.40 -10.52 10.21
N GLU D 78 -14.01 -11.24 9.16
CA GLU D 78 -14.49 -12.59 8.86
C GLU D 78 -14.15 -13.59 9.98
N ALA D 79 -12.97 -13.44 10.55
CA ALA D 79 -12.51 -14.36 11.59
C ALA D 79 -13.29 -14.15 12.89
N VAL D 80 -13.82 -12.95 13.10
CA VAL D 80 -14.54 -12.64 14.32
C VAL D 80 -16.03 -12.94 14.16
N TYR D 81 -16.58 -12.62 12.99
CA TYR D 81 -18.00 -12.82 12.75
C TYR D 81 -18.41 -14.25 12.39
N PHE D 82 -17.58 -14.96 11.63
CA PHE D 82 -17.96 -16.27 11.08
C PHE D 82 -17.27 -17.43 11.78
N GLY D 83 -17.80 -18.64 11.59
CA GLY D 83 -17.25 -19.87 12.16
C GLY D 83 -17.88 -20.27 13.50
N ALA D 84 -17.58 -21.47 13.98
CA ALA D 84 -18.20 -22.02 15.20
C ALA D 84 -18.06 -21.13 16.44
N GLU D 85 -16.98 -20.40 16.54
CA GLU D 85 -16.72 -19.62 17.74
C GLU D 85 -16.92 -18.13 17.53
N GLY D 86 -17.62 -17.76 16.47
CA GLY D 86 -17.78 -16.35 16.08
C GLY D 86 -19.06 -15.73 16.57
N LEU D 87 -19.25 -14.47 16.18
CA LEU D 87 -20.38 -13.67 16.64
C LEU D 87 -21.70 -14.28 16.17
N PHE D 88 -21.84 -14.53 14.88
CA PHE D 88 -23.16 -14.92 14.38
C PHE D 88 -23.68 -16.25 14.92
N GLU D 89 -22.81 -17.23 15.01
CA GLU D 89 -23.16 -18.55 15.49
C GLU D 89 -23.52 -18.57 16.98
N ASN D 90 -23.10 -17.56 17.71
CA ASN D 90 -23.25 -17.55 19.16
C ASN D 90 -24.12 -16.40 19.66
N GLY D 91 -24.56 -15.54 18.76
CA GLY D 91 -25.40 -14.40 19.12
C GLY D 91 -26.74 -14.83 19.70
N HIS D 92 -27.09 -14.28 20.87
CA HIS D 92 -28.43 -14.47 21.41
C HIS D 92 -29.46 -13.75 20.52
N SER D 93 -30.72 -14.11 20.70
CA SER D 93 -31.77 -13.77 19.74
C SER D 93 -32.12 -12.28 19.70
N ASN D 94 -31.68 -11.52 20.71
CA ASN D 94 -31.90 -10.07 20.76
C ASN D 94 -30.63 -9.19 20.60
N VAL D 95 -29.51 -9.83 20.27
CA VAL D 95 -28.22 -9.12 20.15
C VAL D 95 -28.15 -8.18 18.94
N VAL D 96 -27.43 -7.06 19.10
CA VAL D 96 -27.10 -6.16 18.00
C VAL D 96 -25.59 -6.12 17.80
N PHE D 97 -25.16 -6.41 16.57
CA PHE D 97 -23.75 -6.28 16.19
C PHE D 97 -23.56 -4.98 15.36
N ILE D 98 -22.53 -4.21 15.70
CA ILE D 98 -22.18 -2.99 14.98
C ILE D 98 -20.72 -3.07 14.54
N ASP D 99 -20.48 -3.15 13.24
CA ASP D 99 -19.11 -3.13 12.73
C ASP D 99 -18.68 -1.74 12.37
N THR D 100 -17.63 -1.26 13.04
CA THR D 100 -17.10 0.06 12.75
C THR D 100 -15.94 0.01 11.77
N SER D 101 -15.54 -1.20 11.36
CA SER D 101 -14.42 -1.40 10.42
C SER D 101 -14.83 -0.97 9.05
N THR D 102 -13.85 -0.63 8.23
CA THR D 102 -14.05 -0.33 6.84
C THR D 102 -13.65 -1.56 6.02
N VAL D 103 -14.63 -2.19 5.40
CA VAL D 103 -14.40 -3.37 4.58
C VAL D 103 -15.13 -3.16 3.27
N SER D 104 -15.14 -4.14 2.39
CA SER D 104 -15.82 -3.93 1.12
C SER D 104 -17.32 -3.91 1.35
N PRO D 105 -18.03 -3.12 0.55
CA PRO D 105 -19.50 -3.16 0.55
C PRO D 105 -19.99 -4.59 0.41
N GLN D 106 -19.27 -5.38 -0.37
CA GLN D 106 -19.60 -6.77 -0.49
C GLN D 106 -19.57 -7.53 0.84
N LEU D 107 -18.53 -7.34 1.64
CA LEU D 107 -18.48 -8.02 2.95
C LEU D 107 -19.60 -7.52 3.87
N ASN D 108 -19.96 -6.25 3.72
CA ASN D 108 -21.07 -5.68 4.41
C ASN D 108 -22.30 -6.54 4.09
N LYS D 109 -22.45 -6.89 2.81
CA LYS D 109 -23.57 -7.70 2.36
C LYS D 109 -23.55 -9.11 2.90
N GLN D 110 -22.41 -9.77 2.85
CA GLN D 110 -22.26 -11.09 3.47
C GLN D 110 -22.59 -11.09 4.97
N LEU D 111 -22.09 -10.12 5.71
CA LEU D 111 -22.40 -10.04 7.12
C LEU D 111 -23.91 -9.86 7.32
N GLU D 112 -24.54 -8.90 6.63
CA GLU D 112 -25.98 -8.73 6.79
C GLU D 112 -26.77 -9.98 6.45
N GLU D 113 -26.34 -10.69 5.44
CA GLU D 113 -27.03 -11.86 5.00
C GLU D 113 -26.95 -12.96 6.05
N ALA D 114 -25.79 -13.07 6.69
CA ALA D 114 -25.61 -14.02 7.75
C ALA D 114 -26.48 -13.58 8.91
N ALA D 115 -26.62 -12.28 9.11
CA ALA D 115 -27.37 -11.78 10.22
C ALA D 115 -28.85 -12.10 10.06
N LYS D 116 -29.35 -11.98 8.83
CA LYS D 116 -30.73 -12.28 8.54
C LYS D 116 -31.01 -13.74 8.84
N GLU D 117 -30.10 -14.61 8.43
CA GLU D 117 -30.30 -16.04 8.60
C GLU D 117 -30.40 -16.46 10.07
N LYS D 118 -29.59 -15.85 10.93
CA LYS D 118 -29.64 -16.15 12.36
C LYS D 118 -30.62 -15.26 13.14
N LYS D 119 -31.31 -14.37 12.44
CA LYS D 119 -32.30 -13.48 13.05
C LYS D 119 -31.75 -12.59 14.16
N VAL D 120 -30.52 -12.11 13.97
CA VAL D 120 -29.94 -11.07 14.81
C VAL D 120 -29.73 -9.79 14.01
N ASP D 121 -29.50 -8.70 14.72
CA ASP D 121 -29.40 -7.37 14.13
C ASP D 121 -27.94 -7.08 13.84
N PHE D 122 -27.65 -6.59 12.62
CA PHE D 122 -26.30 -6.15 12.19
C PHE D 122 -26.33 -4.80 11.46
N LEU D 123 -25.48 -3.86 11.90
CA LEU D 123 -25.23 -2.57 11.22
C LEU D 123 -23.76 -2.41 10.80
N ALA D 124 -23.54 -1.98 9.57
CA ALA D 124 -22.21 -1.59 9.10
C ALA D 124 -22.10 -0.09 9.31
N ALA D 125 -21.34 0.29 10.32
CA ALA D 125 -21.20 1.68 10.71
C ALA D 125 -19.73 2.13 10.67
N PRO D 126 -19.10 2.09 9.51
CA PRO D 126 -17.69 2.52 9.49
C PRO D 126 -17.50 3.95 10.05
N VAL D 127 -16.49 4.13 10.91
CA VAL D 127 -16.17 5.41 11.54
C VAL D 127 -15.07 6.19 10.80
N SER D 128 -15.06 7.49 11.00
CA SER D 128 -14.10 8.39 10.39
C SER D 128 -13.72 9.35 11.46
N GLY D 129 -12.47 9.79 11.44
CA GLY D 129 -12.04 10.79 12.39
C GLY D 129 -10.74 10.52 13.10
N GLY D 130 -10.15 9.35 12.90
CA GLY D 130 -8.83 9.07 13.48
C GLY D 130 -8.84 8.93 15.00
N VAL D 131 -7.64 8.72 15.54
CA VAL D 131 -7.40 8.47 16.95
C VAL D 131 -7.76 9.68 17.80
N ILE D 132 -7.46 10.87 17.30
CA ILE D 132 -7.85 12.11 17.97
C ILE D 132 -9.37 12.22 18.05
N GLY D 133 -10.05 11.76 17.01
CA GLY D 133 -11.49 11.75 17.02
C GLY D 133 -12.03 10.75 18.01
N ALA D 134 -11.41 9.58 18.07
CA ALA D 134 -11.87 8.56 18.99
C ALA D 134 -11.79 9.07 20.40
N GLU D 135 -10.62 9.59 20.78
CA GLU D 135 -10.35 10.10 22.11
C GLU D 135 -11.32 11.17 22.56
N ASN D 136 -11.62 12.10 21.68
CA ASN D 136 -12.41 13.28 22.03
C ASN D 136 -13.89 13.07 21.86
N ARG D 137 -14.26 11.91 21.34
CA ARG D 137 -15.66 11.54 21.09
C ARG D 137 -16.27 12.36 19.99
N THR D 138 -15.49 12.70 18.97
CA THR D 138 -16.00 13.48 17.86
C THR D 138 -15.86 12.76 16.53
N LEU D 139 -16.02 11.44 16.54
CA LEU D 139 -15.98 10.65 15.32
C LEU D 139 -17.22 10.86 14.50
N THR D 140 -17.13 10.59 13.20
CA THR D 140 -18.28 10.46 12.35
C THR D 140 -18.58 8.98 12.19
N PHE D 141 -19.82 8.60 12.41
CA PHE D 141 -20.30 7.27 12.04
C PHE D 141 -21.18 7.39 10.81
N MET D 142 -20.91 6.59 9.80
CA MET D 142 -21.78 6.51 8.64
C MET D 142 -22.40 5.13 8.63
N VAL D 143 -23.66 5.10 9.07
CA VAL D 143 -24.38 3.88 9.38
C VAL D 143 -25.27 3.48 8.25
N GLY D 144 -25.05 2.27 7.77
CA GLY D 144 -25.92 1.62 6.83
C GLY D 144 -26.66 0.52 7.58
N GLY D 145 -27.92 0.29 7.21
CA GLY D 145 -28.71 -0.78 7.81
C GLY D 145 -30.05 -0.34 8.37
N SER D 146 -30.67 -1.25 9.14
CA SER D 146 -32.03 -1.09 9.62
C SER D 146 -32.17 0.19 10.41
N LYS D 147 -33.19 1.00 10.11
CA LYS D 147 -33.41 2.27 10.82
C LYS D 147 -33.73 2.00 12.29
N ASP D 148 -34.53 0.97 12.54
CA ASP D 148 -34.92 0.62 13.89
C ASP D 148 -33.71 0.36 14.77
N VAL D 149 -32.78 -0.44 14.25
CA VAL D 149 -31.58 -0.80 14.97
C VAL D 149 -30.72 0.44 15.25
N TYR D 150 -30.58 1.28 14.21
CA TYR D 150 -29.95 2.59 14.34
C TYR D 150 -30.52 3.40 15.49
N GLU D 151 -31.85 3.46 15.57
CA GLU D 151 -32.54 4.21 16.60
C GLU D 151 -32.32 3.65 17.99
N LYS D 152 -32.32 2.31 18.11
CA LYS D 152 -31.99 1.66 19.37
C LYS D 152 -30.58 2.02 19.84
N THR D 153 -29.70 2.29 18.89
CA THR D 153 -28.29 2.39 19.22
C THR D 153 -27.68 3.78 19.07
N GLU D 154 -28.46 4.74 18.57
CA GLU D 154 -27.96 6.07 18.30
C GLU D 154 -27.27 6.62 19.51
N SER D 155 -27.89 6.51 20.68
CA SER D 155 -27.29 7.21 21.80
C SER D 155 -26.03 6.54 22.34
N ILE D 156 -25.84 5.25 22.05
CA ILE D 156 -24.57 4.56 22.34
C ILE D 156 -23.46 5.15 21.46
N MET D 157 -23.71 5.15 20.17
CA MET D 157 -22.81 5.78 19.21
C MET D 157 -22.57 7.23 19.53
N GLY D 158 -23.63 7.90 19.93
CA GLY D 158 -23.63 9.32 20.19
C GLY D 158 -22.72 9.76 21.30
N VAL D 159 -22.33 8.85 22.20
CA VAL D 159 -21.32 9.18 23.21
C VAL D 159 -19.88 8.98 22.68
N LEU D 160 -19.75 8.32 21.53
CA LEU D 160 -18.47 8.11 20.85
C LEU D 160 -18.25 9.08 19.68
N GLY D 161 -19.35 9.50 19.05
CA GLY D 161 -19.32 10.33 17.87
C GLY D 161 -19.98 11.68 18.07
N ALA D 162 -19.64 12.60 17.18
CA ALA D 162 -20.20 13.94 17.14
C ALA D 162 -21.22 14.03 16.01
N ASN D 163 -21.04 13.21 14.99
CA ASN D 163 -21.97 13.18 13.86
C ASN D 163 -22.31 11.74 13.55
N ILE D 164 -23.43 11.28 14.10
CA ILE D 164 -23.95 9.96 13.78
C ILE D 164 -24.92 10.16 12.61
N PHE D 165 -24.55 9.68 11.44
CA PHE D 165 -25.42 9.76 10.26
C PHE D 165 -25.96 8.39 9.97
N HIS D 166 -27.27 8.25 9.99
CA HIS D 166 -27.85 7.08 9.37
C HIS D 166 -27.98 7.40 7.89
N VAL D 167 -27.33 6.63 7.03
CA VAL D 167 -27.39 6.91 5.61
C VAL D 167 -28.67 6.39 5.03
N SER D 168 -28.79 5.07 4.99
CA SER D 168 -30.01 4.44 4.49
C SER D 168 -30.12 2.99 5.01
N GLU D 169 -31.22 2.32 4.61
CA GLU D 169 -31.44 0.90 4.95
C GLU D 169 -30.43 -0.05 4.30
N GLN D 170 -29.86 0.34 3.16
CA GLN D 170 -28.92 -0.51 2.43
C GLN D 170 -27.62 -0.63 3.23
N ILE D 171 -27.15 -1.87 3.42
CA ILE D 171 -26.16 -2.19 4.45
C ILE D 171 -24.78 -1.61 4.15
N ASP D 172 -24.45 -1.46 2.86
CA ASP D 172 -23.18 -0.89 2.41
C ASP D 172 -23.22 0.63 2.18
N SER D 173 -24.30 1.28 2.55
CA SER D 173 -24.45 2.66 2.17
C SER D 173 -23.53 3.55 3.01
N GLY D 174 -23.29 3.16 4.25
CA GLY D 174 -22.42 3.95 5.11
C GLY D 174 -21.00 3.86 4.59
N THR D 175 -20.63 2.65 4.20
CA THR D 175 -19.30 2.36 3.69
C THR D 175 -19.03 3.20 2.45
N THR D 176 -20.03 3.25 1.58
CA THR D 176 -19.94 3.97 0.32
C THR D 176 -19.84 5.50 0.50
N VAL D 177 -20.66 6.08 1.35
CA VAL D 177 -20.51 7.51 1.62
C VAL D 177 -19.14 7.82 2.19
N LYS D 178 -18.57 6.89 2.95
CA LYS D 178 -17.28 7.13 3.56
C LYS D 178 -16.22 7.16 2.45
N LEU D 179 -16.39 6.20 1.55
CA LEU D 179 -15.48 5.96 0.46
C LEU D 179 -15.53 7.10 -0.57
N ILE D 180 -16.72 7.64 -0.84
CA ILE D 180 -16.91 8.72 -1.72
CA ILE D 180 -16.82 8.69 -1.74
C ILE D 180 -16.42 9.98 -1.07
N ASN D 181 -16.69 10.19 0.22
CA ASN D 181 -16.10 11.32 0.91
C ASN D 181 -14.59 11.26 0.71
N ASN D 182 -13.99 10.08 0.82
CA ASN D 182 -12.55 9.99 0.70
C ASN D 182 -12.05 10.22 -0.72
N LEU D 183 -12.73 9.69 -1.72
CA LEU D 183 -12.36 9.89 -3.10
C LEU D 183 -12.37 11.36 -3.48
N LEU D 184 -13.39 12.09 -3.05
CA LEU D 184 -13.52 13.48 -3.34
C LEU D 184 -12.40 14.20 -2.70
N ILE D 185 -12.09 13.83 -1.46
CA ILE D 185 -10.99 14.42 -0.78
C ILE D 185 -9.71 14.20 -1.60
N GLY D 186 -9.58 13.05 -2.24
CA GLY D 186 -8.46 12.75 -3.08
C GLY D 186 -8.31 13.73 -4.23
N PHE D 187 -9.40 13.99 -4.95
CA PHE D 187 -9.45 15.00 -6.04
C PHE D 187 -9.15 16.37 -5.54
N TYR D 188 -9.76 16.74 -4.44
CA TYR D 188 -9.59 18.08 -3.94
C TYR D 188 -8.19 18.33 -3.50
N THR D 189 -7.63 17.41 -2.71
CA THR D 189 -6.28 17.61 -2.26
C THR D 189 -5.33 17.68 -3.42
N ALA D 190 -5.55 16.86 -4.45
CA ALA D 190 -4.72 16.88 -5.62
C ALA D 190 -4.84 18.19 -6.39
N GLY D 191 -6.05 18.69 -6.52
CA GLY D 191 -6.28 19.98 -7.20
C GLY D 191 -5.62 21.11 -6.48
N VAL D 192 -5.76 21.14 -5.18
CA VAL D 192 -5.13 22.19 -4.40
C VAL D 192 -3.63 22.12 -4.54
N SER D 193 -3.07 20.91 -4.51
CA SER D 193 -1.63 20.79 -4.50
C SER D 193 -1.01 21.26 -5.79
N GLU D 194 -1.58 20.85 -6.93
CA GLU D 194 -1.06 21.27 -8.20
C GLU D 194 -1.32 22.75 -8.48
N ALA D 195 -2.55 23.21 -8.23
CA ALA D 195 -2.89 24.58 -8.56
C ALA D 195 -2.12 25.55 -7.69
N LEU D 196 -1.97 25.26 -6.40
CA LEU D 196 -1.17 26.15 -5.55
C LEU D 196 0.28 26.21 -5.93
N THR D 197 0.83 25.12 -6.45
CA THR D 197 2.19 25.13 -6.95
C THR D 197 2.34 25.99 -8.19
N LEU D 198 1.39 25.90 -9.09
CA LEU D 198 1.34 26.77 -10.24
C LEU D 198 1.28 28.26 -9.85
N ALA D 199 0.45 28.57 -8.89
CA ALA D 199 0.27 29.91 -8.39
C ALA D 199 1.54 30.40 -7.77
N LYS D 200 2.14 29.57 -6.93
CA LYS D 200 3.38 29.91 -6.23
C LYS D 200 4.56 30.12 -7.15
N LYS D 201 4.66 29.31 -8.18
CA LYS D 201 5.73 29.41 -9.15
C LYS D 201 5.71 30.76 -9.86
N ASN D 202 4.54 31.35 -10.00
CA ASN D 202 4.40 32.62 -10.70
C ASN D 202 4.17 33.75 -9.69
N ASN D 203 4.60 33.51 -8.48
CA ASN D 203 4.72 34.53 -7.45
C ASN D 203 3.40 35.12 -7.03
N MET D 204 2.35 34.34 -7.09
CA MET D 204 1.11 34.79 -6.57
C MET D 204 1.11 34.86 -5.09
N ASP D 205 0.32 35.75 -4.54
CA ASP D 205 0.14 35.81 -3.13
C ASP D 205 -0.94 34.82 -2.72
N LEU D 206 -0.56 33.75 -2.04
CA LEU D 206 -1.51 32.68 -1.85
C LEU D 206 -2.58 33.00 -0.82
N ASP D 207 -2.29 33.91 0.07
CA ASP D 207 -3.30 34.37 1.02
C ASP D 207 -4.36 35.18 0.32
N LYS D 208 -3.95 36.19 -0.43
CA LYS D 208 -4.92 36.91 -1.24
C LYS D 208 -5.59 36.02 -2.25
N MET D 209 -4.87 35.07 -2.85
CA MET D 209 -5.56 34.18 -3.78
C MET D 209 -6.65 33.35 -3.09
N PHE D 210 -6.39 32.86 -1.89
CA PHE D 210 -7.39 32.08 -1.15
C PHE D 210 -8.68 32.88 -0.88
N ASP D 211 -8.50 34.12 -0.43
CA ASP D 211 -9.63 34.98 -0.13
C ASP D 211 -10.57 35.03 -1.29
N ILE D 212 -10.03 35.24 -2.48
CA ILE D 212 -10.84 35.28 -3.66
C ILE D 212 -11.42 33.96 -4.04
N LEU D 213 -10.57 32.93 -4.14
CA LEU D 213 -11.04 31.64 -4.56
C LEU D 213 -12.01 31.02 -3.57
N ASN D 214 -11.85 31.32 -2.30
CA ASN D 214 -12.73 30.70 -1.29
C ASN D 214 -14.17 31.20 -1.41
N VAL D 215 -14.37 32.31 -2.08
CA VAL D 215 -15.69 32.77 -2.32
C VAL D 215 -16.04 32.64 -3.77
N SER D 216 -15.31 31.77 -4.48
CA SER D 216 -15.63 31.46 -5.87
C SER D 216 -15.84 29.97 -6.00
N TYR D 217 -15.90 29.49 -7.23
CA TYR D 217 -16.16 28.09 -7.51
C TYR D 217 -14.90 27.22 -7.29
N GLY D 218 -13.80 27.83 -6.89
CA GLY D 218 -12.65 27.08 -6.44
C GLY D 218 -12.75 26.68 -5.00
N GLN D 219 -13.90 26.98 -4.40
CA GLN D 219 -14.10 26.75 -2.97
C GLN D 219 -14.27 25.27 -2.64
N SER D 220 -13.59 24.84 -1.59
CA SER D 220 -13.88 23.54 -0.97
C SER D 220 -13.35 23.60 0.43
N ARG D 221 -13.96 22.81 1.30
CA ARG D 221 -13.48 22.74 2.67
C ARG D 221 -12.09 22.10 2.74
N ILE D 222 -11.78 21.25 1.77
CA ILE D 222 -10.41 20.70 1.68
C ILE D 222 -9.38 21.74 1.44
N TYR D 223 -9.67 22.66 0.53
CA TYR D 223 -8.78 23.76 0.28
C TYR D 223 -8.57 24.65 1.53
N GLU D 224 -9.63 24.92 2.27
CA GLU D 224 -9.49 25.73 3.49
C GLU D 224 -8.63 25.02 4.53
N ARG D 225 -8.98 23.77 4.78
CA ARG D 225 -8.22 22.89 5.65
C ARG D 225 -6.78 22.86 5.22
N ASN D 226 -6.55 22.32 4.03
CA ASN D 226 -5.18 22.13 3.61
C ASN D 226 -4.40 23.38 3.65
N TYR D 227 -4.99 24.45 3.12
CA TYR D 227 -4.22 25.66 3.00
C TYR D 227 -4.00 26.38 4.33
N LYS D 228 -5.05 26.55 5.12
CA LYS D 228 -4.90 27.35 6.35
C LYS D 228 -4.29 26.58 7.50
N SER D 229 -4.67 25.33 7.71
CA SER D 229 -4.09 24.57 8.83
C SER D 229 -2.72 23.94 8.53
N PHE D 230 -2.35 23.76 7.26
CA PHE D 230 -1.09 23.06 6.99
C PHE D 230 -0.13 23.78 6.07
N ILE D 231 -0.58 24.20 4.90
CA ILE D 231 0.32 24.77 3.92
C ILE D 231 0.88 26.12 4.38
N ALA D 232 0.01 27.06 4.72
CA ALA D 232 0.45 28.39 5.27
C ALA D 232 1.36 28.28 6.48
N PRO D 233 0.96 27.57 7.51
CA PRO D 233 1.83 27.31 8.66
C PRO D 233 3.03 26.40 8.45
N GLU D 234 3.25 25.93 7.23
CA GLU D 234 4.30 24.97 6.96
C GLU D 234 4.28 23.88 7.99
N ASN D 235 3.09 23.35 8.28
CA ASN D 235 2.95 22.23 9.20
C ASN D 235 2.31 20.99 8.58
N TYR D 236 3.03 19.89 8.50
CA TYR D 236 2.47 18.71 7.81
C TYR D 236 2.38 17.44 8.65
N GLU D 237 2.20 17.61 9.95
CA GLU D 237 1.88 16.50 10.87
C GLU D 237 0.45 16.16 10.68
N PRO D 238 0.10 14.87 10.67
CA PRO D 238 -1.27 14.48 10.50
C PRO D 238 -2.01 14.63 11.80
N GLY D 239 -3.32 14.83 11.81
CA GLY D 239 -4.14 15.03 10.61
C GLY D 239 -4.51 13.70 10.04
N PHE D 240 -4.59 13.63 8.72
CA PHE D 240 -4.94 12.43 8.03
C PHE D 240 -3.80 12.10 7.04
N THR D 241 -3.13 10.95 7.22
CA THR D 241 -1.92 10.64 6.46
C THR D 241 -2.18 10.24 5.01
N VAL D 242 -1.18 10.53 4.16
CA VAL D 242 -1.16 10.13 2.77
C VAL D 242 -1.48 8.65 2.65
N ASN D 243 -0.84 7.85 3.49
CA ASN D 243 -1.01 6.42 3.46
C ASN D 243 -2.44 6.01 3.82
N LEU D 244 -3.09 6.68 4.76
CA LEU D 244 -4.50 6.34 5.10
C LEU D 244 -5.50 6.82 4.04
N LEU D 245 -5.24 7.98 3.46
CA LEU D 245 -6.03 8.43 2.32
C LEU D 245 -5.89 7.43 1.21
N LYS D 246 -4.66 7.06 0.84
CA LYS D 246 -4.52 6.14 -0.28
C LYS D 246 -5.07 4.74 -0.01
N LYS D 247 -5.09 4.33 1.24
CA LYS D 247 -5.75 3.04 1.58
C LYS D 247 -7.25 3.07 1.18
N ASP D 248 -7.96 4.11 1.61
CA ASP D 248 -9.38 4.28 1.22
C ASP D 248 -9.61 4.53 -0.24
N LEU D 249 -8.64 5.18 -0.91
CA LEU D 249 -8.74 5.39 -2.36
C LEU D 249 -8.61 4.08 -3.06
N GLY D 250 -7.69 3.23 -2.56
CA GLY D 250 -7.61 1.86 -3.05
C GLY D 250 -8.89 1.06 -2.90
N PHE D 251 -9.58 1.21 -1.79
CA PHE D 251 -10.90 0.56 -1.58
C PHE D 251 -11.97 1.12 -2.56
N ALA D 252 -11.89 2.42 -2.87
CA ALA D 252 -12.76 3.02 -3.86
C ALA D 252 -12.45 2.45 -5.20
N VAL D 253 -11.17 2.38 -5.58
CA VAL D 253 -10.78 1.79 -6.86
C VAL D 253 -11.08 0.31 -6.98
N ASP D 254 -10.85 -0.48 -5.93
CA ASP D 254 -11.33 -1.86 -5.94
C ASP D 254 -12.83 -1.90 -6.16
N LEU D 255 -13.60 -1.08 -5.45
CA LEU D 255 -15.05 -1.11 -5.60
C LEU D 255 -15.53 -0.69 -6.97
N ALA D 256 -14.76 0.20 -7.59
CA ALA D 256 -15.10 0.68 -8.91
C ALA D 256 -14.81 -0.49 -9.83
N LYS D 257 -13.71 -1.16 -9.62
CA LYS D 257 -13.37 -2.30 -10.45
C LYS D 257 -14.27 -3.51 -10.22
N GLU D 258 -15.02 -3.53 -9.11
CA GLU D 258 -15.97 -4.60 -8.87
C GLU D 258 -17.25 -4.21 -9.57
N SER D 259 -17.52 -2.90 -9.54
CA SER D 259 -18.65 -2.35 -10.21
C SER D 259 -18.38 -2.34 -11.72
N GLU D 260 -17.27 -2.85 -12.19
CA GLU D 260 -17.00 -2.82 -13.62
C GLU D 260 -16.70 -1.44 -14.25
N LEU D 261 -16.58 -0.39 -13.43
CA LEU D 261 -16.37 0.97 -13.92
C LEU D 261 -14.92 1.30 -14.08
N HIS D 262 -14.58 2.02 -15.13
CA HIS D 262 -13.24 2.54 -15.31
C HIS D 262 -13.24 4.02 -15.00
N LEU D 263 -12.69 4.41 -13.86
CA LEU D 263 -12.60 5.78 -13.45
C LEU D 263 -11.15 6.23 -13.54
N PRO D 264 -10.73 6.78 -14.70
CA PRO D 264 -9.31 7.01 -14.97
C PRO D 264 -8.58 8.03 -14.09
N VAL D 265 -9.25 9.09 -13.68
CA VAL D 265 -8.60 10.05 -12.83
C VAL D 265 -8.46 9.50 -11.39
N SER D 266 -9.44 8.71 -10.97
CA SER D 266 -9.40 8.07 -9.68
C SER D 266 -8.18 7.14 -9.59
N GLU D 267 -7.95 6.38 -10.64
CA GLU D 267 -6.82 5.48 -10.69
C GLU D 267 -5.49 6.23 -10.80
N MET D 268 -5.50 7.35 -11.53
CA MET D 268 -4.33 8.20 -11.52
C MET D 268 -4.00 8.70 -10.13
N LEU D 269 -5.02 9.10 -9.39
CA LEU D 269 -4.84 9.66 -8.04
C LEU D 269 -4.31 8.63 -7.06
N LEU D 270 -4.70 7.39 -7.21
CA LEU D 270 -4.13 6.32 -6.39
C LEU D 270 -2.64 6.25 -6.56
N ASN D 271 -2.16 6.26 -7.80
CA ASN D 271 -0.75 6.36 -8.08
C ASN D 271 -0.07 7.64 -7.53
N VAL D 272 -0.72 8.79 -7.71
CA VAL D 272 -0.23 10.06 -7.17
C VAL D 272 0.10 10.01 -5.69
N TYR D 273 -0.85 9.56 -4.87
CA TYR D 273 -0.62 9.45 -3.44
C TYR D 273 0.41 8.34 -3.10
N ASP D 274 0.48 7.30 -3.94
CA ASP D 274 1.50 6.26 -3.78
C ASP D 274 2.89 6.76 -4.04
N GLU D 275 3.07 7.55 -5.11
CA GLU D 275 4.35 8.16 -5.36
C GLU D 275 4.73 9.13 -4.26
N ALA D 276 3.77 9.87 -3.73
CA ALA D 276 4.09 10.79 -2.67
C ALA D 276 4.56 9.99 -1.49
N SER D 277 3.91 8.88 -1.21
CA SER D 277 4.34 8.10 -0.06
C SER D 277 5.74 7.55 -0.34
N GLN D 278 5.96 7.03 -1.54
CA GLN D 278 7.22 6.44 -1.87
C GLN D 278 8.33 7.48 -1.75
N ALA D 279 8.00 8.76 -1.88
CA ALA D 279 8.97 9.83 -1.80
C ALA D 279 9.19 10.30 -0.41
N GLY D 280 8.46 9.73 0.53
CA GLY D 280 8.72 10.00 1.94
C GLY D 280 7.63 10.74 2.72
N TYR D 281 6.49 11.02 2.11
CA TYR D 281 5.42 11.76 2.76
C TYR D 281 4.31 10.84 3.25
N GLY D 282 4.56 9.53 3.24
CA GLY D 282 3.52 8.59 3.61
C GLY D 282 2.83 8.87 4.91
N GLU D 283 3.56 9.31 5.92
CA GLU D 283 2.98 9.54 7.22
C GLU D 283 2.82 11.00 7.53
N ASN D 284 2.98 11.85 6.52
CA ASN D 284 2.63 13.26 6.64
C ASN D 284 1.17 13.45 6.38
N ASP D 285 0.60 14.57 6.77
CA ASP D 285 -0.79 14.80 6.43
C ASP D 285 -0.92 14.80 4.90
N MET D 286 -2.09 14.45 4.40
CA MET D 286 -2.35 14.45 2.95
C MET D 286 -2.06 15.79 2.25
N ALA D 287 -2.14 16.89 2.98
CA ALA D 287 -1.95 18.20 2.41
C ALA D 287 -0.51 18.41 1.98
N ALA D 288 0.38 17.57 2.50
CA ALA D 288 1.74 17.57 2.03
C ALA D 288 1.93 17.13 0.58
N LEU D 289 0.91 16.68 -0.12
CA LEU D 289 1.04 16.51 -1.56
C LEU D 289 1.52 17.84 -2.10
N TYR D 290 1.12 18.95 -1.50
CA TYR D 290 1.59 20.28 -1.96
C TYR D 290 3.10 20.40 -1.91
N LYS D 291 3.70 19.92 -0.81
CA LYS D 291 5.14 19.88 -0.70
C LYS D 291 5.77 19.00 -1.73
N LYS D 292 5.19 17.84 -2.01
CA LYS D 292 5.77 16.98 -3.06
C LYS D 292 5.74 17.64 -4.43
N VAL D 293 4.58 18.21 -4.79
CA VAL D 293 4.45 18.82 -6.10
C VAL D 293 5.42 19.99 -6.17
N SER D 294 5.52 20.78 -5.08
CA SER D 294 6.40 21.96 -5.06
C SER D 294 7.89 21.70 -4.84
N GLU D 295 8.27 20.42 -4.76
CA GLU D 295 9.69 20.07 -4.87
C GLU D 295 10.25 20.64 -6.17
N GLN D 296 9.38 20.89 -7.16
CA GLN D 296 9.78 21.53 -8.38
C GLN D 296 10.13 23.01 -8.26
N LEU D 297 9.93 23.66 -7.13
CA LEU D 297 10.32 25.08 -7.00
C LEU D 297 11.79 25.27 -6.57
N ILE D 298 12.38 26.42 -6.86
CA ILE D 298 13.77 26.70 -6.46
C ILE D 298 13.88 27.21 -5.02
PA NAD E . 7.43 -45.57 13.28
O1A NAD E . 5.99 -45.65 13.42
O2A NAD E . 8.17 -45.82 12.00
O5B NAD E . 8.08 -46.53 14.37
C5B NAD E . 7.57 -46.63 15.67
C4B NAD E . 7.73 -48.07 16.09
O4B NAD E . 7.25 -48.21 17.42
C3B NAD E . 6.90 -48.98 15.22
O3B NAD E . 7.73 -49.99 14.69
C2B NAD E . 5.91 -49.60 16.18
O2B NAD E . 5.68 -50.96 15.92
C1B NAD E . 6.57 -49.43 17.53
N9A NAD E . 5.63 -49.39 18.66
C8A NAD E . 4.48 -48.71 18.77
N7A NAD E . 3.96 -48.90 19.99
C5A NAD E . 4.76 -49.71 20.69
C6A NAD E . 4.82 -50.34 21.99
N6A NAD E . 3.89 -50.20 22.93
N1A NAD E . 5.86 -51.13 22.29
C2A NAD E . 6.83 -51.32 21.44
N3A NAD E . 6.83 -50.81 20.21
C4A NAD E . 5.86 -50.01 19.79
O3 NAD E . 7.75 -44.08 13.83
PN NAD E . 9.08 -43.31 13.52
O1N NAD E . 10.25 -44.27 13.70
O2N NAD E . 9.13 -42.58 12.27
O5D NAD E . 9.09 -42.20 14.65
C5D NAD E . 9.35 -42.39 16.03
C4D NAD E . 9.42 -41.03 16.73
O4D NAD E . 10.48 -40.28 16.19
C3D NAD E . 8.13 -40.22 16.57
O3D NAD E . 7.77 -39.61 17.81
C2D NAD E . 8.50 -39.18 15.53
O2D NAD E . 7.90 -37.92 15.71
C1D NAD E . 9.99 -39.03 15.75
N1N NAD E . 10.69 -38.60 14.56
C2N NAD E . 10.51 -39.19 13.38
C3N NAD E . 11.18 -38.76 12.27
C7N NAD E . 11.00 -39.42 10.93
O7N NAD E . 11.39 -38.80 9.95
N7N NAD E . 10.42 -40.62 10.83
C4N NAD E . 12.03 -37.67 12.39
C5N NAD E . 12.19 -37.05 13.62
C6N NAD E . 11.50 -37.55 14.70
N1 EPE F . 13.86 -32.86 7.94
C2 EPE F . 15.25 -32.47 7.68
C3 EPE F . 15.89 -33.25 6.52
N4 EPE F . 15.09 -34.33 5.98
C5 EPE F . 14.22 -35.06 6.84
C6 EPE F . 13.74 -34.31 8.08
C7 EPE F . 15.80 -35.13 4.98
C8 EPE F . 14.89 -36.13 4.24
O8 EPE F . 15.65 -37.02 3.52
C9 EPE F . 13.33 -32.15 9.10
C10 EPE F . 12.18 -32.84 9.83
S EPE F . 12.72 -33.58 11.40
O1S EPE F . 13.33 -34.86 11.11
O2S EPE F . 13.71 -32.72 11.96
O3S EPE F . 11.61 -33.73 12.29
PA NAD G . 11.40 8.09 -5.01
O1A NAD G . 9.99 8.49 -5.08
O2A NAD G . 12.29 8.46 -3.84
O5B NAD G . 12.31 8.57 -6.25
C5B NAD G . 11.91 8.61 -7.60
C4B NAD G . 12.44 9.91 -8.16
O4B NAD G . 11.96 10.07 -9.48
C3B NAD G . 11.87 11.07 -7.37
O3B NAD G . 12.97 11.85 -6.90
C2B NAD G . 10.95 11.84 -8.30
O2B NAD G . 10.99 13.27 -8.13
C1B NAD G . 11.51 11.42 -9.63
N9A NAD G . 10.60 11.49 -10.78
C8A NAD G . 9.37 10.98 -10.89
N7A NAD G . 8.87 11.20 -12.12
C5A NAD G . 9.79 11.87 -12.83
C6A NAD G . 9.92 12.46 -14.20
N6A NAD G . 8.93 12.37 -15.11
N1A NAD G . 11.08 13.09 -14.51
C2A NAD G . 12.07 13.20 -13.64
N3A NAD G . 12.01 12.70 -12.38
C4A NAD G . 10.93 12.05 -11.93
O3 NAD G . 11.45 6.51 -5.39
PN NAD G . 12.58 5.47 -4.87
O1N NAD G . 13.96 5.95 -5.21
O2N NAD G . 12.24 5.25 -3.43
O5D NAD G . 12.28 4.10 -5.64
C5D NAD G . 12.51 4.00 -7.03
C4D NAD G . 12.30 2.57 -7.54
O4D NAD G . 13.22 1.64 -6.93
C3D NAD G . 10.88 2.09 -7.26
O3D NAD G . 10.51 1.31 -8.37
C2D NAD G . 11.02 1.30 -5.98
O2D NAD G . 10.09 0.22 -5.85
C1D NAD G . 12.46 0.76 -6.08
N1N NAD G . 13.17 0.59 -4.80
C2N NAD G . 13.01 1.42 -3.73
C3N NAD G . 13.74 1.18 -2.55
C7N NAD G . 13.61 2.05 -1.31
O7N NAD G . 14.07 1.60 -0.28
N7N NAD G . 13.03 3.24 -1.33
C4N NAD G . 14.61 0.10 -2.51
C5N NAD G . 14.74 -0.72 -3.63
C6N NAD G . 14.01 -0.44 -4.76
C1 GOL H . -1.42 2.55 5.96
O1 GOL H . -0.02 2.48 5.72
C2 GOL H . -1.94 1.37 6.80
O2 GOL H . -1.23 1.30 7.99
C3 GOL H . -1.75 -0.01 6.19
O3 GOL H . -2.77 -0.33 5.27
PA NAD I . -16.94 35.86 -29.53
O1A NAD I . -16.12 35.33 -30.66
O2A NAD I . -18.40 35.60 -29.48
O5B NAD I . -16.74 37.46 -29.60
C5B NAD I . -15.59 37.98 -30.23
C4B NAD I . -16.03 39.14 -31.10
O4B NAD I . -14.87 39.86 -31.41
C3B NAD I . -16.62 38.68 -32.41
O3B NAD I . -17.86 39.32 -32.63
C2B NAD I . -15.62 39.09 -33.46
O2B NAD I . -16.22 39.54 -34.67
C1B NAD I . -14.95 40.24 -32.76
N9A NAD I . -13.64 40.49 -33.30
C8A NAD I . -12.61 39.65 -33.47
N7A NAD I . -11.56 40.31 -34.00
C5A NAD I . -11.92 41.60 -34.15
C6A NAD I . -11.34 42.87 -34.65
N6A NAD I . -10.09 42.96 -35.12
N1A NAD I . -12.10 43.97 -34.61
C2A NAD I . -13.35 43.96 -34.17
N3A NAD I . -13.94 42.86 -33.72
C4A NAD I . -13.29 41.69 -33.68
O3 NAD I . -16.24 35.49 -28.14
PN NAD I . -16.86 35.68 -26.68
O1N NAD I . -17.61 36.96 -26.58
O2N NAD I . -17.55 34.42 -26.25
O5D NAD I . -15.57 35.66 -25.70
C5D NAD I . -14.71 36.79 -25.52
C4D NAD I . -13.57 36.49 -24.54
O4D NAD I . -14.04 36.26 -23.20
C3D NAD I . -12.80 35.24 -24.90
O3D NAD I . -11.45 35.52 -24.60
C2D NAD I . -13.36 34.14 -24.01
O2D NAD I . -12.35 33.17 -23.73
C1D NAD I . -13.82 34.89 -22.77
N1N NAD I . -15.02 34.41 -22.07
C2N NAD I . -16.05 33.81 -22.66
C3N NAD I . -17.17 33.40 -21.93
C7N NAD I . -18.35 32.73 -22.59
O7N NAD I . -19.09 32.06 -21.88
N7N NAD I . -18.60 32.89 -23.89
C4N NAD I . -17.23 33.62 -20.57
C5N NAD I . -16.15 34.27 -19.96
C6N NAD I . -15.06 34.64 -20.75
PA NAD J . -5.54 -1.63 14.58
O1A NAD J . -4.75 -2.58 13.78
O2A NAD J . -4.89 -0.58 15.44
O5B NAD J . -6.49 -2.35 15.61
C5B NAD J . -7.14 -3.57 15.35
C4B NAD J . -7.15 -4.26 16.69
O4B NAD J . -7.85 -5.47 16.50
C3B NAD J . -5.76 -4.57 17.17
O3B NAD J . -5.59 -4.12 18.53
C2B NAD J . -5.65 -6.08 17.03
O2B NAD J . -4.82 -6.75 17.98
C1B NAD J . -7.11 -6.49 17.13
N9A NAD J . -7.50 -7.76 16.50
C8A NAD J . -7.30 -8.14 15.23
N7A NAD J . -7.83 -9.38 15.06
C5A NAD J . -8.36 -9.80 16.23
C6A NAD J . -9.05 -11.00 16.77
N6A NAD J . -9.32 -12.07 16.00
N1A NAD J . -9.44 -10.98 18.07
C2A NAD J . -9.20 -9.93 18.86
N3A NAD J . -8.56 -8.84 18.44
C4A NAD J . -8.15 -8.70 17.17
O3 NAD J . -6.69 -1.09 13.59
PN NAD J . -7.29 0.40 13.55
O1N NAD J . -7.98 0.72 14.84
O2N NAD J . -6.19 1.31 13.04
O5D NAD J . -8.38 0.21 12.39
C5D NAD J . -9.67 -0.28 12.75
C4D NAD J . -10.66 -0.08 11.63
O4D NAD J . -11.08 1.28 11.55
C3D NAD J . -10.04 -0.41 10.27
O3D NAD J . -11.07 -0.96 9.41
C2D NAD J . -9.51 0.94 9.82
O2D NAD J . -9.30 1.07 8.41
C1D NAD J . -10.59 1.87 10.35
N1N NAD J . -10.10 3.22 10.61
C2N NAD J . -8.88 3.43 11.12
C3N NAD J . -8.48 4.75 11.36
C7N NAD J . -7.13 5.11 11.91
O7N NAD J . -6.66 6.17 11.56
N7N NAD J . -6.48 4.32 12.75
C4N NAD J . -9.34 5.80 11.05
C5N NAD J . -10.60 5.54 10.54
C6N NAD J . -10.95 4.21 10.32
C1 GOL K . 5.34 2.38 1.29
O1 GOL K . 4.36 2.84 2.20
C2 GOL K . 5.50 3.34 0.09
O2 GOL K . 5.99 4.57 0.53
C3 GOL K . 4.20 3.60 -0.66
O3 GOL K . 3.93 2.55 -1.59
#